data_2B8N
#
_entry.id   2B8N
#
_cell.length_a   61.954
_cell.length_b   85.169
_cell.length_c   172.507
_cell.angle_alpha   90.000
_cell.angle_beta   90.000
_cell.angle_gamma   90.000
#
_symmetry.space_group_name_H-M   'P 21 21 21'
#
loop_
_entity.id
_entity.type
_entity.pdbx_description
1 polymer 'glycerate kinase, putative'
2 water water
#
_entity_poly.entity_id   1
_entity_poly.type   'polypeptide(L)'
_entity_poly.pdbx_seq_one_letter_code
;(MSE)GSDKIHHHHHH(MSE)FDPESLKKLAIEIVKKSIEAVFPDRAVKETLPKLNLDRVILVAVGKAAWR(MSE)AKAA
YEVLGKKIRKGVVVTKYGHSEGPIDDFEIYEAGHPVPDENTIKTTRRVLELVDQLNENDTVLFLLSGGGSSLFELPLEGV
SLEEIQKLTSALLKSGASIEEINTVRKHLSQVKGGRFAERVFPAKVVALVLSDVLGDRLDVIASGPAWPDSSTSEDALKV
LEKYGIETSESVKRAILQETPKHLSNVEIHLIGNVQKVCDEAKSLAKEKGFNAEIITTSLDCEAREAGRFIASI(MSE)K
EVKFKDRPLKKPAALIFGGETVVHVKGNGIGGRNQELALSAAIALEGIEGVILCSAGTDGTDGPTDAAGGIVDGSTAKTL
KA(MSE)GEDPYQYLKNNDSYNALKKSGALLITGPTGTNVNDLIIGLIV
;
_entity_poly.pdbx_strand_id   A,B
#
# COMPACT_ATOMS: atom_id res chain seq x y z
N PRO A 16 8.73 1.94 26.45
CA PRO A 16 8.47 0.77 25.60
C PRO A 16 7.00 0.34 25.70
N GLU A 17 6.67 -0.17 26.88
CA GLU A 17 5.32 -0.30 27.42
C GLU A 17 4.49 1.00 27.27
N SER A 18 5.13 2.12 27.62
CA SER A 18 4.51 3.45 27.64
C SER A 18 4.18 4.03 26.27
N LEU A 19 4.99 3.72 25.25
CA LEU A 19 4.70 4.19 23.90
C LEU A 19 3.45 3.51 23.35
N LYS A 20 3.32 2.20 23.61
CA LYS A 20 2.11 1.45 23.31
C LYS A 20 0.89 2.15 23.94
N LYS A 21 0.99 2.53 25.22
CA LYS A 21 -0.12 3.20 25.93
C LYS A 21 -0.44 4.54 25.31
N LEU A 22 0.61 5.23 24.90
CA LEU A 22 0.48 6.55 24.31
C LEU A 22 -0.31 6.52 23.00
N ALA A 23 -0.01 5.55 22.15
CA ALA A 23 -0.71 5.41 20.88
C ALA A 23 -2.18 4.96 21.06
N ILE A 24 -2.45 4.09 22.04
CA ILE A 24 -3.81 3.66 22.35
C ILE A 24 -4.64 4.87 22.81
N GLU A 25 -4.08 5.70 23.69
CA GLU A 25 -4.79 6.87 24.16
C GLU A 25 -5.11 7.79 22.98
N ILE A 26 -4.13 8.05 22.11
CA ILE A 26 -4.36 8.93 20.94
C ILE A 26 -5.49 8.41 20.04
N VAL A 27 -5.47 7.11 19.76
CA VAL A 27 -6.54 6.44 19.03
C VAL A 27 -7.85 6.55 19.77
N LYS A 28 -7.90 6.27 21.07
CA LYS A 28 -9.16 6.35 21.84
C LYS A 28 -9.75 7.78 21.85
N LYS A 29 -8.92 8.76 22.20
CA LYS A 29 -9.34 10.16 22.22
C LYS A 29 -9.65 10.71 20.83
N SER A 30 -8.98 10.22 19.78
CA SER A 30 -9.26 10.71 18.43
C SER A 30 -10.67 10.36 17.99
N ILE A 31 -11.10 9.13 18.31
CA ILE A 31 -12.45 8.62 17.96
C ILE A 31 -13.58 9.36 18.68
N GLU A 32 -13.36 9.71 19.95
CA GLU A 32 -14.28 10.56 20.73
C GLU A 32 -14.69 11.83 20.03
N ALA A 33 -13.81 12.36 19.17
CA ALA A 33 -14.10 13.56 18.37
C ALA A 33 -15.25 13.37 17.40
N VAL A 34 -15.58 12.12 17.07
CA VAL A 34 -16.75 11.83 16.25
C VAL A 34 -17.83 11.00 16.98
N PHE A 35 -17.87 11.06 18.32
CA PHE A 35 -18.99 10.48 19.04
C PHE A 35 -20.16 11.36 18.72
N PRO A 36 -21.35 10.79 18.63
CA PRO A 36 -22.51 11.61 18.27
C PRO A 36 -22.71 12.88 19.14
N ASP A 37 -22.59 12.74 20.47
CA ASP A 37 -22.85 13.85 21.40
C ASP A 37 -21.95 15.05 21.08
N ARG A 38 -20.65 14.80 21.03
CA ARG A 38 -19.72 15.86 20.81
C ARG A 38 -19.84 16.41 19.36
N ALA A 39 -20.12 15.56 18.38
CA ALA A 39 -20.17 16.01 16.97
C ALA A 39 -21.28 17.02 16.73
N VAL A 40 -22.42 16.72 17.34
CA VAL A 40 -23.60 17.55 17.27
C VAL A 40 -23.38 18.86 18.01
N LYS A 41 -22.98 18.77 19.27
CA LYS A 41 -22.83 19.96 20.13
C LYS A 41 -21.78 20.95 19.59
N GLU A 42 -20.76 20.45 18.90
CA GLU A 42 -19.75 21.33 18.28
C GLU A 42 -20.19 21.97 16.98
N THR A 43 -21.33 21.54 16.41
CA THR A 43 -21.89 22.09 15.18
C THR A 43 -23.24 22.82 15.33
N LEU A 44 -24.23 22.12 15.90
CA LEU A 44 -25.63 22.58 15.91
C LEU A 44 -25.84 24.00 16.47
N PRO A 45 -25.17 24.35 17.59
CA PRO A 45 -25.41 25.68 18.14
C PRO A 45 -25.11 26.81 17.16
N LYS A 46 -24.00 26.68 16.44
CA LYS A 46 -23.61 27.65 15.40
C LYS A 46 -24.72 27.91 14.34
N LEU A 47 -25.60 26.95 14.11
CA LEU A 47 -26.61 27.07 13.05
C LEU A 47 -27.89 27.86 13.44
N ASN A 48 -28.10 28.12 14.74
CA ASN A 48 -29.24 28.92 15.21
C ASN A 48 -30.62 28.48 14.66
N LEU A 49 -30.98 27.24 14.93
CA LEU A 49 -32.20 26.69 14.36
C LEU A 49 -33.41 27.01 15.25
N ASP A 50 -34.57 27.14 14.59
CA ASP A 50 -35.83 27.44 15.24
C ASP A 50 -36.98 26.68 14.57
N ARG A 51 -38.07 26.49 15.31
CA ARG A 51 -39.28 25.83 14.77
C ARG A 51 -38.94 24.46 14.18
N VAL A 52 -38.28 23.62 14.97
CA VAL A 52 -37.59 22.41 14.50
C VAL A 52 -38.48 21.17 14.68
N ILE A 53 -38.59 20.38 13.60
CA ILE A 53 -39.04 19.01 13.67
C ILE A 53 -37.79 18.17 13.48
N LEU A 54 -37.49 17.35 14.47
CA LEU A 54 -36.25 16.57 14.48
C LEU A 54 -36.57 15.15 13.98
N VAL A 55 -35.84 14.75 12.94
CA VAL A 55 -35.89 13.39 12.39
C VAL A 55 -34.48 12.80 12.40
N ALA A 56 -34.31 11.72 13.17
CA ALA A 56 -32.99 11.10 13.34
C ALA A 56 -33.11 9.67 12.92
N VAL A 57 -32.28 9.29 11.93
CA VAL A 57 -32.28 7.96 11.34
C VAL A 57 -30.84 7.47 11.25
N GLY A 58 -30.61 6.26 11.73
CA GLY A 58 -29.28 5.66 11.64
C GLY A 58 -28.96 4.84 12.87
N LYS A 59 -27.80 4.19 12.84
CA LYS A 59 -27.35 3.39 13.98
C LYS A 59 -26.98 4.28 15.18
N ALA A 60 -26.65 5.54 14.92
CA ALA A 60 -26.36 6.52 15.97
C ALA A 60 -27.52 7.50 16.22
N ALA A 61 -28.73 7.12 15.80
CA ALA A 61 -29.83 8.07 15.80
C ALA A 61 -30.16 8.52 17.20
N TRP A 62 -30.18 7.58 18.14
CA TRP A 62 -30.63 7.88 19.49
C TRP A 62 -29.71 8.87 20.19
N ARG A 63 -28.39 8.70 20.07
CA ARG A 63 -27.50 9.63 20.78
C ARG A 63 -27.42 11.00 20.12
N ALA A 65 -29.95 12.38 18.52
CA ALA A 65 -31.20 13.05 18.90
C ALA A 65 -31.09 13.62 20.32
N LYS A 66 -30.67 12.80 21.27
CA LYS A 66 -30.48 13.27 22.63
C LYS A 66 -29.60 14.53 22.72
N ALA A 67 -28.50 14.57 21.96
CA ALA A 67 -27.60 15.73 21.98
C ALA A 67 -28.25 17.01 21.39
N ALA A 68 -29.05 16.85 20.34
CA ALA A 68 -29.81 17.96 19.74
C ALA A 68 -30.87 18.51 20.68
N TYR A 69 -31.53 17.63 21.40
CA TYR A 69 -32.53 18.04 22.38
C TYR A 69 -31.88 18.95 23.41
N GLU A 70 -30.72 18.53 23.89
CA GLU A 70 -29.97 19.28 24.91
C GLU A 70 -29.51 20.64 24.38
N VAL A 71 -29.13 20.72 23.11
CA VAL A 71 -28.84 22.02 22.49
C VAL A 71 -30.12 22.89 22.35
N LEU A 72 -31.23 22.33 21.83
CA LEU A 72 -32.37 23.16 21.42
C LEU A 72 -33.55 23.20 22.38
N GLY A 73 -33.85 22.11 23.06
CA GLY A 73 -35.01 22.06 23.97
C GLY A 73 -36.34 22.22 23.26
N LYS A 74 -37.22 23.04 23.83
CA LYS A 74 -38.60 23.20 23.32
C LYS A 74 -38.74 23.89 21.95
N LYS A 75 -37.62 24.33 21.36
CA LYS A 75 -37.57 24.77 19.97
C LYS A 75 -37.80 23.58 19.06
N ILE A 76 -37.56 22.37 19.56
CA ILE A 76 -38.06 21.17 18.90
C ILE A 76 -39.52 20.94 19.32
N ARG A 77 -40.38 20.91 18.31
CA ARG A 77 -41.81 20.77 18.48
C ARG A 77 -42.21 19.29 18.46
N LYS A 78 -41.46 18.50 17.70
CA LYS A 78 -41.70 17.06 17.57
C LYS A 78 -40.37 16.40 17.22
N GLY A 79 -40.14 15.23 17.80
CA GLY A 79 -38.95 14.43 17.50
C GLY A 79 -39.30 12.97 17.26
N VAL A 80 -38.57 12.37 16.33
CA VAL A 80 -38.75 10.96 15.99
C VAL A 80 -37.39 10.32 15.70
N VAL A 81 -37.25 9.08 16.14
CA VAL A 81 -35.99 8.33 16.14
C VAL A 81 -36.26 6.94 15.56
N VAL A 82 -35.49 6.58 14.51
CA VAL A 82 -35.50 5.21 13.94
C VAL A 82 -34.05 4.67 13.95
N THR A 83 -33.82 3.54 14.61
CA THR A 83 -32.46 2.98 14.68
C THR A 83 -32.56 1.46 14.60
N LYS A 84 -31.43 0.77 14.66
CA LYS A 84 -31.39 -0.69 14.65
C LYS A 84 -32.05 -1.28 15.91
N TYR A 85 -32.63 -2.47 15.78
CA TYR A 85 -33.14 -3.16 16.96
C TYR A 85 -32.06 -3.18 18.05
N GLY A 86 -32.48 -2.87 19.27
CA GLY A 86 -31.62 -2.93 20.45
C GLY A 86 -30.71 -1.74 20.65
N HIS A 87 -30.83 -0.72 19.80
CA HIS A 87 -29.90 0.39 19.81
C HIS A 87 -30.42 1.60 20.56
N SER A 88 -31.73 1.73 20.65
CA SER A 88 -32.30 2.88 21.35
C SER A 88 -32.15 2.68 22.85
N GLU A 89 -32.00 3.78 23.57
CA GLU A 89 -31.67 3.74 25.01
C GLU A 89 -32.73 4.44 25.85
N GLY A 90 -34.00 4.33 25.44
CA GLY A 90 -35.13 4.84 26.23
C GLY A 90 -35.74 6.14 25.74
N PRO A 91 -36.62 6.75 26.56
CA PRO A 91 -37.27 8.03 26.23
C PRO A 91 -36.31 9.19 26.00
N ILE A 92 -36.74 10.12 25.16
CA ILE A 92 -36.11 11.43 25.08
C ILE A 92 -37.24 12.47 25.11
N ASP A 93 -37.46 13.05 26.28
CA ASP A 93 -38.64 13.90 26.47
C ASP A 93 -39.87 13.13 25.89
N ASP A 94 -40.46 13.67 24.81
CA ASP A 94 -41.68 13.13 24.15
C ASP A 94 -41.44 12.74 22.70
N PHE A 95 -40.16 12.58 22.32
CA PHE A 95 -39.82 12.14 20.98
C PHE A 95 -40.36 10.75 20.84
N GLU A 96 -40.67 10.38 19.60
CA GLU A 96 -41.14 9.05 19.30
C GLU A 96 -39.89 8.20 19.00
N ILE A 97 -39.69 7.13 19.77
CA ILE A 97 -38.52 6.28 19.60
C ILE A 97 -38.91 4.94 18.93
N TYR A 98 -38.34 4.70 17.74
CA TYR A 98 -38.61 3.53 16.95
C TYR A 98 -37.33 2.74 16.52
N GLU A 99 -37.52 1.45 16.27
CA GLU A 99 -36.46 0.60 15.75
C GLU A 99 -37.00 -0.21 14.58
N ALA A 100 -36.12 -0.58 13.65
CA ALA A 100 -36.54 -1.24 12.41
C ALA A 100 -35.42 -2.07 11.79
N GLY A 101 -35.76 -2.71 10.67
CA GLY A 101 -34.89 -3.69 10.00
C GLY A 101 -33.56 -3.15 9.46
N HIS A 102 -32.49 -3.88 9.78
CA HIS A 102 -31.15 -3.61 9.24
C HIS A 102 -30.31 -4.87 9.42
N PRO A 103 -29.49 -5.23 8.41
CA PRO A 103 -29.19 -4.58 7.14
C PRO A 103 -30.25 -4.64 6.05
N VAL A 104 -31.40 -5.26 6.32
CA VAL A 104 -32.49 -5.41 5.34
C VAL A 104 -33.77 -4.76 5.87
N PRO A 105 -34.46 -3.97 5.04
CA PRO A 105 -35.65 -3.30 5.55
C PRO A 105 -36.80 -4.27 5.80
N ASP A 106 -37.62 -4.03 6.81
CA ASP A 106 -38.77 -4.89 7.10
C ASP A 106 -40.05 -4.07 7.25
N GLU A 107 -41.12 -4.66 7.82
CA GLU A 107 -42.42 -4.01 7.99
C GLU A 107 -42.34 -2.82 8.94
N ASN A 108 -41.46 -2.92 9.94
CA ASN A 108 -41.21 -1.79 10.85
C ASN A 108 -40.57 -0.58 10.14
N THR A 109 -39.71 -0.85 9.15
CA THR A 109 -39.17 0.23 8.30
C THR A 109 -40.29 1.00 7.61
N ILE A 110 -41.17 0.28 6.92
CA ILE A 110 -42.36 0.86 6.26
C ILE A 110 -43.24 1.66 7.22
N LYS A 111 -43.59 1.05 8.35
CA LYS A 111 -44.40 1.71 9.34
C LYS A 111 -43.74 3.05 9.80
N THR A 112 -42.48 2.98 10.21
CA THR A 112 -41.84 4.14 10.81
C THR A 112 -41.57 5.24 9.81
N THR A 113 -41.18 4.87 8.59
CA THR A 113 -40.97 5.81 7.50
C THR A 113 -42.27 6.52 7.13
N ARG A 114 -43.35 5.75 7.01
CA ARG A 114 -44.64 6.33 6.77
C ARG A 114 -44.98 7.38 7.84
N ARG A 115 -44.63 7.10 9.11
CA ARG A 115 -44.88 8.04 10.20
C ARG A 115 -44.02 9.30 10.08
N VAL A 116 -42.76 9.15 9.69
CA VAL A 116 -41.89 10.30 9.45
C VAL A 116 -42.49 11.26 8.39
N LEU A 117 -43.13 10.70 7.36
CA LEU A 117 -43.71 11.52 6.27
C LEU A 117 -44.97 12.22 6.75
N GLU A 118 -45.65 11.64 7.75
CA GLU A 118 -46.80 12.32 8.38
C GLU A 118 -46.30 13.52 9.16
N LEU A 119 -45.17 13.35 9.83
CA LEU A 119 -44.60 14.45 10.57
C LEU A 119 -44.09 15.60 9.69
N VAL A 120 -43.71 15.34 8.42
CA VAL A 120 -43.10 16.40 7.61
C VAL A 120 -44.00 16.99 6.52
N ASP A 121 -45.13 16.36 6.21
CA ASP A 121 -46.00 16.97 5.19
C ASP A 121 -46.75 18.15 5.80
N GLN A 122 -47.24 19.03 4.94
CA GLN A 122 -47.91 20.26 5.36
C GLN A 122 -47.12 20.99 6.44
N LEU A 123 -45.86 21.30 6.13
CA LEU A 123 -45.06 22.25 6.89
C LEU A 123 -44.97 23.50 6.03
N ASN A 124 -44.76 24.65 6.66
CA ASN A 124 -44.64 25.90 5.93
C ASN A 124 -43.15 26.36 5.82
N GLU A 125 -42.94 27.39 5.01
CA GLU A 125 -41.60 27.96 4.71
C GLU A 125 -40.81 28.37 5.94
N ASN A 126 -41.52 28.59 7.05
CA ASN A 126 -40.93 29.07 8.29
C ASN A 126 -40.41 27.91 9.16
N ASP A 127 -40.70 26.67 8.77
CA ASP A 127 -40.31 25.51 9.55
C ASP A 127 -39.01 24.94 9.08
N THR A 128 -38.36 24.17 9.95
CA THR A 128 -37.09 23.53 9.61
C THR A 128 -37.08 22.08 10.13
N VAL A 129 -36.71 21.14 9.24
CA VAL A 129 -36.47 19.76 9.63
C VAL A 129 -34.97 19.60 9.93
N LEU A 130 -34.68 19.14 11.14
CA LEU A 130 -33.33 18.83 11.56
C LEU A 130 -33.09 17.35 11.32
N PHE A 131 -32.39 17.04 10.22
CA PHE A 131 -32.22 15.66 9.76
C PHE A 131 -30.91 15.10 10.25
N LEU A 132 -30.98 14.27 11.28
CA LEU A 132 -29.77 13.69 11.94
C LEU A 132 -29.52 12.30 11.37
N LEU A 133 -28.47 12.19 10.56
CA LEU A 133 -28.26 10.98 9.78
C LEU A 133 -26.95 10.28 10.08
N SER A 134 -27.03 8.97 10.25
CA SER A 134 -25.87 8.07 10.38
C SER A 134 -26.09 6.80 9.57
N GLY A 135 -25.15 5.85 9.65
CA GLY A 135 -25.20 4.56 8.90
C GLY A 135 -26.47 3.74 9.01
N GLY A 136 -26.77 2.98 7.97
CA GLY A 136 -27.90 2.06 7.94
C GLY A 136 -29.19 2.67 7.40
N GLY A 137 -29.15 3.93 6.97
CA GLY A 137 -30.32 4.64 6.45
C GLY A 137 -30.97 4.11 5.17
N SER A 138 -30.24 3.38 4.34
CA SER A 138 -30.90 2.76 3.20
C SER A 138 -31.88 1.71 3.66
N SER A 139 -31.50 0.97 4.71
CA SER A 139 -32.36 -0.07 5.29
C SER A 139 -33.41 0.49 6.24
N LEU A 140 -33.03 1.51 7.02
CA LEU A 140 -33.86 2.01 8.13
C LEU A 140 -34.87 3.09 7.70
N PHE A 141 -34.68 3.65 6.50
CA PHE A 141 -35.52 4.70 5.96
C PHE A 141 -35.98 4.28 4.59
N GLU A 142 -37.24 3.84 4.47
CA GLU A 142 -37.76 3.32 3.19
C GLU A 142 -39.28 3.10 3.22
N LEU A 143 -39.92 3.40 2.09
CA LEU A 143 -41.36 3.18 1.88
C LEU A 143 -41.56 3.16 0.36
N PRO A 144 -41.75 1.96 -0.24
CA PRO A 144 -41.92 1.89 -1.72
C PRO A 144 -43.01 2.79 -2.30
N LEU A 145 -42.90 3.11 -3.59
CA LEU A 145 -43.97 3.83 -4.29
C LEU A 145 -45.21 2.92 -4.38
N GLU A 146 -46.40 3.53 -4.32
CA GLU A 146 -47.67 2.81 -4.42
C GLU A 146 -47.66 1.78 -5.54
N GLY A 147 -47.95 0.53 -5.19
CA GLY A 147 -47.97 -0.56 -6.15
C GLY A 147 -46.66 -1.30 -6.33
N VAL A 148 -45.65 -0.96 -5.53
CA VAL A 148 -44.40 -1.71 -5.50
C VAL A 148 -44.29 -2.30 -4.10
N SER A 149 -43.88 -3.55 -4.00
CA SER A 149 -43.78 -4.21 -2.69
C SER A 149 -42.34 -4.17 -2.16
N LEU A 150 -42.22 -4.13 -0.85
CA LEU A 150 -40.93 -4.28 -0.19
C LEU A 150 -40.19 -5.53 -0.68
N GLU A 151 -40.91 -6.63 -0.88
CA GLU A 151 -40.32 -7.90 -1.29
C GLU A 151 -39.65 -7.74 -2.63
N GLU A 152 -40.32 -7.03 -3.52
CA GLU A 152 -39.82 -6.78 -4.88
C GLU A 152 -38.51 -5.99 -4.80
N ILE A 153 -38.50 -5.01 -3.90
CA ILE A 153 -37.29 -4.23 -3.66
C ILE A 153 -36.18 -5.15 -3.10
N GLN A 154 -36.44 -5.86 -1.99
CA GLN A 154 -35.49 -6.85 -1.46
C GLN A 154 -34.93 -7.72 -2.63
N LYS A 155 -35.83 -8.34 -3.40
CA LYS A 155 -35.43 -9.30 -4.45
C LYS A 155 -34.64 -8.65 -5.60
N LEU A 156 -35.03 -7.45 -6.00
CA LEU A 156 -34.38 -6.76 -7.11
C LEU A 156 -32.94 -6.36 -6.82
N THR A 157 -32.71 -5.88 -5.59
CA THR A 157 -31.38 -5.54 -5.05
C THR A 157 -30.45 -6.74 -5.08
N SER A 158 -30.92 -7.84 -4.51
CA SER A 158 -30.14 -9.04 -4.38
C SER A 158 -29.79 -9.59 -5.78
N ALA A 159 -30.76 -9.55 -6.68
CA ALA A 159 -30.54 -9.93 -8.05
C ALA A 159 -29.45 -9.09 -8.67
N LEU A 160 -29.47 -7.79 -8.39
CA LEU A 160 -28.49 -6.88 -8.97
C LEU A 160 -27.08 -7.10 -8.41
N LEU A 161 -26.97 -7.22 -7.08
CA LEU A 161 -25.71 -7.60 -6.45
C LEU A 161 -25.13 -8.89 -7.05
N LYS A 162 -25.95 -9.93 -7.03
CA LYS A 162 -25.49 -11.20 -7.54
C LYS A 162 -25.02 -11.07 -8.99
N SER A 163 -25.71 -10.25 -9.78
CA SER A 163 -25.36 -10.06 -11.19
C SER A 163 -24.14 -9.19 -11.38
N GLY A 164 -23.62 -8.61 -10.30
CA GLY A 164 -22.38 -7.82 -10.34
C GLY A 164 -22.61 -6.38 -10.75
N ALA A 165 -23.72 -5.80 -10.30
CA ALA A 165 -24.01 -4.42 -10.61
C ALA A 165 -23.15 -3.52 -9.74
N SER A 166 -22.87 -2.31 -10.20
CA SER A 166 -22.11 -1.33 -9.42
C SER A 166 -23.04 -0.67 -8.44
N ILE A 167 -22.47 -0.12 -7.37
CA ILE A 167 -23.25 0.52 -6.28
C ILE A 167 -24.08 1.68 -6.83
N GLU A 168 -23.54 2.34 -7.85
CA GLU A 168 -24.20 3.45 -8.51
C GLU A 168 -25.41 2.97 -9.32
N GLU A 169 -25.27 1.81 -9.95
CA GLU A 169 -26.36 1.23 -10.72
C GLU A 169 -27.47 0.71 -9.81
N ILE A 170 -27.08 0.11 -8.70
CA ILE A 170 -28.05 -0.31 -7.71
C ILE A 170 -28.80 0.92 -7.21
N ASN A 171 -28.03 1.97 -6.95
CA ASN A 171 -28.58 3.23 -6.44
C ASN A 171 -29.55 3.90 -7.43
N THR A 172 -29.19 3.94 -8.70
CA THR A 172 -30.09 4.50 -9.71
C THR A 172 -31.47 3.81 -9.64
N VAL A 173 -31.48 2.49 -9.60
CA VAL A 173 -32.73 1.73 -9.55
C VAL A 173 -33.47 1.97 -8.25
N ARG A 174 -32.76 1.87 -7.13
CA ARG A 174 -33.41 2.04 -5.81
C ARG A 174 -34.09 3.38 -5.63
N LYS A 175 -33.48 4.45 -6.15
CA LYS A 175 -34.01 5.80 -5.98
C LYS A 175 -35.35 5.95 -6.74
N HIS A 176 -35.48 5.19 -7.83
CA HIS A 176 -36.65 5.27 -8.66
C HIS A 176 -37.77 4.30 -8.22
N LEU A 177 -37.57 3.61 -7.09
CA LEU A 177 -38.59 2.74 -6.50
C LEU A 177 -39.12 3.22 -5.14
N SER A 178 -38.76 4.44 -4.73
CA SER A 178 -38.86 4.87 -3.33
C SER A 178 -39.55 6.23 -3.13
N GLN A 179 -40.21 6.39 -2.00
CA GLN A 179 -40.87 7.66 -1.67
C GLN A 179 -39.92 8.62 -0.92
N VAL A 180 -38.73 8.15 -0.53
CA VAL A 180 -37.82 8.97 0.27
C VAL A 180 -36.40 9.11 -0.26
N LYS A 181 -35.92 8.10 -0.98
CA LYS A 181 -34.57 8.16 -1.57
C LYS A 181 -34.60 9.13 -2.75
N GLY A 182 -33.43 9.39 -3.31
CA GLY A 182 -33.33 10.18 -4.54
C GLY A 182 -33.89 11.58 -4.41
N GLY A 183 -33.75 12.17 -3.22
CA GLY A 183 -34.17 13.55 -2.96
C GLY A 183 -35.64 13.72 -2.62
N ARG A 184 -36.39 12.63 -2.59
CA ARG A 184 -37.85 12.73 -2.40
C ARG A 184 -38.28 13.19 -1.00
N PHE A 185 -37.50 12.79 0.00
CA PHE A 185 -37.69 13.25 1.35
C PHE A 185 -37.64 14.77 1.45
N ALA A 186 -36.62 15.39 0.87
CA ALA A 186 -36.49 16.87 0.85
C ALA A 186 -37.62 17.49 0.06
N GLU A 187 -38.05 16.76 -0.96
CA GLU A 187 -39.15 17.17 -1.79
C GLU A 187 -40.46 17.15 -1.00
N ARG A 188 -40.62 16.22 -0.05
CA ARG A 188 -41.84 16.19 0.79
C ARG A 188 -41.82 17.22 1.91
N VAL A 189 -40.62 17.49 2.41
CA VAL A 189 -40.43 18.50 3.45
C VAL A 189 -40.78 19.90 2.93
N PHE A 190 -40.47 20.13 1.65
CA PHE A 190 -40.91 21.31 0.97
C PHE A 190 -42.39 21.60 1.29
N PRO A 191 -42.68 22.90 1.51
CA PRO A 191 -41.78 24.08 1.42
C PRO A 191 -40.88 24.36 2.65
N ALA A 192 -40.93 23.53 3.69
CA ALA A 192 -39.99 23.69 4.82
C ALA A 192 -38.54 23.42 4.39
N LYS A 193 -37.60 23.89 5.22
CA LYS A 193 -36.15 23.74 5.01
C LYS A 193 -35.63 22.42 5.60
N VAL A 194 -34.65 21.83 4.95
CA VAL A 194 -33.95 20.68 5.52
C VAL A 194 -32.54 21.10 5.90
N VAL A 195 -32.21 20.95 7.19
CA VAL A 195 -30.81 21.10 7.65
C VAL A 195 -30.31 19.76 8.17
N ALA A 196 -29.43 19.12 7.41
CA ALA A 196 -28.96 17.78 7.74
C ALA A 196 -27.59 17.79 8.41
N LEU A 197 -27.50 17.02 9.49
CA LEU A 197 -26.22 16.68 10.09
C LEU A 197 -25.94 15.21 9.83
N VAL A 198 -24.81 14.96 9.17
CA VAL A 198 -24.46 13.66 8.69
C VAL A 198 -23.21 13.14 9.37
N LEU A 199 -23.30 11.90 9.83
CA LEU A 199 -22.18 11.20 10.44
C LEU A 199 -21.82 10.09 9.46
N SER A 200 -20.80 10.31 8.64
CA SER A 200 -20.55 9.49 7.46
C SER A 200 -19.68 8.25 7.66
N ASP A 201 -20.27 7.11 7.30
CA ASP A 201 -19.58 5.83 7.27
C ASP A 201 -19.18 5.43 5.83
N VAL A 202 -19.40 6.34 4.87
CA VAL A 202 -19.07 6.13 3.45
C VAL A 202 -17.77 6.83 3.09
N LEU A 203 -16.84 6.08 2.51
CA LEU A 203 -15.54 6.64 2.14
C LEU A 203 -15.71 7.71 1.06
N GLY A 204 -15.21 8.92 1.32
CA GLY A 204 -15.37 10.00 0.37
C GLY A 204 -16.69 10.73 0.57
N ASP A 205 -17.41 10.35 1.62
CA ASP A 205 -18.59 11.08 2.09
C ASP A 205 -19.49 11.49 0.93
N ARG A 206 -19.84 10.52 0.09
CA ARG A 206 -20.62 10.79 -1.09
C ARG A 206 -22.09 10.88 -0.69
N LEU A 207 -22.66 12.08 -0.74
CA LEU A 207 -24.02 12.31 -0.25
C LEU A 207 -25.10 11.74 -1.17
N ASP A 208 -24.74 11.40 -2.40
CA ASP A 208 -25.66 10.78 -3.34
C ASP A 208 -25.81 9.30 -3.08
N VAL A 209 -24.91 8.77 -2.25
CA VAL A 209 -24.81 7.35 -1.94
C VAL A 209 -25.26 7.11 -0.50
N ILE A 210 -24.88 8.00 0.41
CA ILE A 210 -25.24 7.89 1.82
C ILE A 210 -26.76 7.82 1.93
N ALA A 211 -27.28 6.67 2.37
CA ALA A 211 -28.73 6.47 2.49
C ALA A 211 -29.50 6.60 1.18
N SER A 212 -28.77 6.51 0.07
CA SER A 212 -29.27 6.82 -1.26
C SER A 212 -29.82 8.25 -1.38
N GLY A 213 -29.21 9.20 -0.67
CA GLY A 213 -29.44 10.63 -0.91
C GLY A 213 -30.88 11.09 -0.81
N PRO A 214 -31.48 10.90 0.37
CA PRO A 214 -32.86 11.30 0.62
C PRO A 214 -33.08 12.83 0.64
N ALA A 215 -32.04 13.60 0.97
CA ALA A 215 -32.05 15.04 0.75
C ALA A 215 -30.90 15.39 -0.19
N TRP A 216 -30.82 14.71 -1.33
CA TRP A 216 -29.80 15.01 -2.34
C TRP A 216 -30.39 14.80 -3.70
N PRO A 217 -30.15 15.73 -4.65
CA PRO A 217 -30.78 15.54 -5.94
C PRO A 217 -30.28 14.27 -6.66
N ASP A 218 -31.17 13.69 -7.47
CA ASP A 218 -30.89 12.45 -8.20
C ASP A 218 -30.66 12.78 -9.66
N SER A 219 -29.39 12.72 -10.08
CA SER A 219 -29.06 13.06 -11.48
C SER A 219 -29.49 11.96 -12.47
N SER A 220 -29.64 10.73 -11.98
CA SER A 220 -30.10 9.63 -12.85
C SER A 220 -31.57 9.75 -13.21
N THR A 221 -31.93 9.13 -14.33
CA THR A 221 -33.26 9.25 -14.91
C THR A 221 -34.00 7.91 -14.81
N SER A 222 -35.30 7.96 -15.08
CA SER A 222 -36.13 6.75 -15.23
C SER A 222 -35.54 5.85 -16.31
N GLU A 223 -35.13 6.44 -17.42
CA GLU A 223 -34.47 5.71 -18.49
C GLU A 223 -33.23 4.96 -17.97
N ASP A 224 -32.39 5.64 -17.20
CA ASP A 224 -31.22 5.00 -16.61
C ASP A 224 -31.64 3.77 -15.80
N ALA A 225 -32.67 3.91 -14.97
CA ALA A 225 -33.07 2.81 -14.09
C ALA A 225 -33.49 1.57 -14.89
N LEU A 226 -34.31 1.78 -15.91
CA LEU A 226 -34.79 0.70 -16.77
C LEU A 226 -33.68 0.04 -17.61
N LYS A 227 -32.72 0.83 -18.06
CA LYS A 227 -31.57 0.32 -18.81
C LYS A 227 -30.65 -0.54 -17.92
N VAL A 228 -30.56 -0.23 -16.64
CA VAL A 228 -29.81 -1.07 -15.71
C VAL A 228 -30.42 -2.47 -15.63
N LEU A 229 -31.71 -2.52 -15.33
CA LEU A 229 -32.44 -3.79 -15.23
C LEU A 229 -32.34 -4.61 -16.52
N GLU A 230 -32.53 -3.95 -17.66
CA GLU A 230 -32.33 -4.59 -18.94
C GLU A 230 -30.89 -5.07 -19.04
N LYS A 231 -29.93 -4.22 -18.67
CA LYS A 231 -28.52 -4.59 -18.79
C LYS A 231 -28.18 -5.89 -18.07
N TYR A 232 -28.75 -6.09 -16.88
CA TYR A 232 -28.47 -7.30 -16.11
C TYR A 232 -29.56 -8.37 -16.26
N GLY A 233 -30.47 -8.17 -17.22
CA GLY A 233 -31.56 -9.10 -17.49
C GLY A 233 -32.47 -9.40 -16.32
N ILE A 234 -32.76 -8.41 -15.48
CA ILE A 234 -33.63 -8.64 -14.33
C ILE A 234 -35.08 -8.33 -14.69
N GLU A 235 -35.91 -9.38 -14.72
CA GLU A 235 -37.33 -9.24 -15.04
C GLU A 235 -38.07 -8.56 -13.87
N THR A 236 -39.03 -7.68 -14.20
CA THR A 236 -39.80 -6.88 -13.21
C THR A 236 -41.28 -6.72 -13.62
N SER A 237 -42.15 -6.54 -12.63
CA SER A 237 -43.60 -6.39 -12.88
C SER A 237 -43.95 -5.14 -13.73
N GLU A 238 -45.23 -5.03 -14.12
CA GLU A 238 -45.72 -3.79 -14.73
C GLU A 238 -45.79 -2.71 -13.64
N SER A 239 -46.19 -3.11 -12.44
CA SER A 239 -46.22 -2.20 -11.27
C SER A 239 -44.88 -1.49 -11.08
N VAL A 240 -43.81 -2.27 -11.10
CA VAL A 240 -42.47 -1.75 -10.90
C VAL A 240 -42.07 -0.82 -12.05
N LYS A 241 -42.16 -1.30 -13.28
CA LYS A 241 -41.76 -0.49 -14.42
C LYS A 241 -42.48 0.88 -14.47
N ARG A 242 -43.76 0.94 -14.11
CA ARG A 242 -44.50 2.20 -14.13
C ARG A 242 -44.29 3.07 -12.88
N ALA A 243 -43.85 2.46 -11.78
CA ALA A 243 -43.33 3.22 -10.64
C ALA A 243 -42.04 4.00 -11.02
N ILE A 244 -41.15 3.34 -11.76
CA ILE A 244 -39.86 3.89 -12.18
C ILE A 244 -40.00 5.13 -13.09
N LEU A 245 -41.06 5.13 -13.91
CA LEU A 245 -41.39 6.26 -14.80
C LEU A 245 -41.64 7.61 -14.13
N GLN A 246 -41.83 7.58 -12.82
CA GLN A 246 -41.95 8.80 -12.03
C GLN A 246 -40.53 9.28 -11.78
N GLU A 247 -40.20 10.43 -12.35
CA GLU A 247 -38.84 10.92 -12.30
C GLU A 247 -38.56 11.51 -10.94
N THR A 248 -37.31 11.37 -10.49
CA THR A 248 -36.86 11.83 -9.19
C THR A 248 -36.40 13.27 -9.32
N PRO A 249 -36.42 14.04 -8.21
CA PRO A 249 -36.02 15.45 -8.21
C PRO A 249 -34.61 15.68 -8.73
N LYS A 250 -34.49 16.50 -9.78
CA LYS A 250 -33.20 16.78 -10.44
C LYS A 250 -32.44 17.93 -9.77
N HIS A 251 -33.14 18.70 -8.95
CA HIS A 251 -32.59 19.84 -8.25
C HIS A 251 -33.38 20.02 -6.96
N LEU A 252 -32.71 20.49 -5.91
CA LEU A 252 -33.35 20.78 -4.61
C LEU A 252 -32.93 22.18 -4.15
N SER A 253 -33.88 23.00 -3.75
CA SER A 253 -33.58 24.37 -3.30
C SER A 253 -33.64 24.54 -1.78
N ASN A 254 -34.16 23.53 -1.07
CA ASN A 254 -34.43 23.67 0.36
C ASN A 254 -33.53 22.83 1.27
N VAL A 255 -32.25 22.71 0.94
CA VAL A 255 -31.35 21.84 1.72
C VAL A 255 -30.02 22.47 2.10
N GLU A 256 -29.60 22.24 3.33
CA GLU A 256 -28.26 22.58 3.78
C GLU A 256 -27.71 21.34 4.44
N ILE A 257 -26.55 20.87 3.98
CA ILE A 257 -25.91 19.69 4.57
C ILE A 257 -24.56 20.01 5.21
N HIS A 258 -24.38 19.50 6.44
CA HIS A 258 -23.12 19.61 7.18
C HIS A 258 -22.64 18.22 7.61
N LEU A 259 -21.40 17.90 7.26
CA LEU A 259 -20.76 16.64 7.67
C LEU A 259 -20.15 16.90 9.03
N ILE A 260 -20.78 16.36 10.07
CA ILE A 260 -20.30 16.55 11.44
C ILE A 260 -19.33 15.44 11.88
N GLY A 261 -19.32 14.30 11.21
CA GLY A 261 -18.30 13.31 11.46
C GLY A 261 -17.92 12.58 10.20
N ASN A 262 -16.63 12.29 10.08
CA ASN A 262 -16.13 11.47 8.98
C ASN A 262 -14.69 11.11 9.28
N VAL A 263 -14.04 10.33 8.44
CA VAL A 263 -12.68 9.88 8.74
C VAL A 263 -11.64 11.04 8.79
N GLN A 264 -11.92 12.13 8.08
CA GLN A 264 -11.03 13.29 8.11
C GLN A 264 -10.99 13.92 9.50
N LYS A 265 -12.15 14.09 10.13
CA LYS A 265 -12.21 14.73 11.46
C LYS A 265 -11.38 13.92 12.45
N VAL A 266 -11.39 12.60 12.29
CA VAL A 266 -10.73 11.70 13.22
C VAL A 266 -9.25 11.73 13.01
N CYS A 267 -8.83 11.85 11.75
CA CYS A 267 -7.41 12.01 11.47
C CYS A 267 -6.86 13.34 11.94
N ASP A 268 -7.66 14.40 11.79
CA ASP A 268 -7.28 15.74 12.25
C ASP A 268 -7.07 15.77 13.73
N GLU A 269 -7.96 15.10 14.48
CA GLU A 269 -7.87 15.09 15.93
C GLU A 269 -6.64 14.31 16.38
N ALA A 270 -6.35 13.19 15.73
CA ALA A 270 -5.16 12.42 16.08
C ALA A 270 -3.94 13.26 15.79
N LYS A 271 -3.92 13.97 14.67
CA LYS A 271 -2.79 14.87 14.35
C LYS A 271 -2.53 15.91 15.44
N SER A 272 -3.60 16.54 15.91
CA SER A 272 -3.42 17.57 16.90
C SER A 272 -3.14 16.98 18.30
N LEU A 273 -3.68 15.80 18.62
CA LEU A 273 -3.38 15.14 19.89
C LEU A 273 -1.91 14.72 19.92
N ALA A 274 -1.42 14.19 18.80
CA ALA A 274 -0.01 13.81 18.65
C ALA A 274 0.94 14.99 18.77
N LYS A 275 0.62 16.11 18.11
CA LYS A 275 1.41 17.33 18.31
C LYS A 275 1.44 17.74 19.76
N GLU A 276 0.28 17.65 20.42
CA GLU A 276 0.12 18.05 21.83
C GLU A 276 1.00 17.21 22.76
N LYS A 277 1.47 16.06 22.28
CA LYS A 277 2.33 15.19 23.08
C LYS A 277 3.79 15.25 22.66
N GLY A 278 4.17 16.19 21.79
CA GLY A 278 5.58 16.36 21.39
C GLY A 278 6.00 15.67 20.10
N PHE A 279 5.04 15.19 19.31
CA PHE A 279 5.35 14.49 18.07
C PHE A 279 5.32 15.38 16.86
N ASN A 280 6.26 15.20 15.95
CA ASN A 280 6.14 15.75 14.63
C ASN A 280 5.08 14.87 13.96
N ALA A 281 3.92 15.45 13.62
CA ALA A 281 2.79 14.67 13.15
C ALA A 281 2.29 15.15 11.81
N GLU A 282 1.98 14.19 10.92
CA GLU A 282 1.29 14.49 9.66
C GLU A 282 0.32 13.38 9.24
N ILE A 283 -0.70 13.79 8.48
CA ILE A 283 -1.65 12.91 7.84
C ILE A 283 -1.15 12.58 6.45
N ILE A 284 -0.89 11.32 6.21
CA ILE A 284 -0.39 10.86 4.88
C ILE A 284 -1.53 10.67 3.88
N THR A 285 -2.64 10.10 4.34
CA THR A 285 -3.84 10.07 3.52
C THR A 285 -5.05 9.75 4.35
N THR A 286 -6.21 10.24 3.90
CA THR A 286 -7.51 9.92 4.49
C THR A 286 -8.40 9.16 3.49
N SER A 287 -7.84 8.76 2.34
CA SER A 287 -8.57 8.00 1.32
C SER A 287 -8.01 6.58 1.08
N LEU A 288 -7.52 5.95 2.13
CA LEU A 288 -6.93 4.61 2.03
C LEU A 288 -8.01 3.58 1.67
N ASP A 289 -7.77 2.79 0.63
CA ASP A 289 -8.77 1.79 0.20
C ASP A 289 -8.22 0.49 -0.41
N CYS A 290 -6.93 0.23 -0.32
CA CYS A 290 -6.32 -0.98 -0.88
C CYS A 290 -6.44 -2.21 0.05
N GLU A 291 -5.84 -3.32 -0.38
CA GLU A 291 -5.79 -4.56 0.42
C GLU A 291 -5.15 -4.28 1.77
N ALA A 292 -5.75 -4.83 2.83
CA ALA A 292 -5.36 -4.53 4.20
C ALA A 292 -3.94 -4.95 4.53
N ARG A 293 -3.58 -6.19 4.22
CA ARG A 293 -2.23 -6.68 4.51
C ARG A 293 -1.12 -5.93 3.72
N GLU A 294 -1.47 -5.49 2.50
CA GLU A 294 -0.51 -4.78 1.66
C GLU A 294 -0.36 -3.35 2.16
N ALA A 295 -1.44 -2.74 2.62
CA ALA A 295 -1.39 -1.46 3.32
C ALA A 295 -0.51 -1.50 4.60
N GLY A 296 -0.49 -2.64 5.30
CA GLY A 296 0.32 -2.77 6.52
C GLY A 296 1.81 -2.70 6.17
N ARG A 297 2.19 -3.33 5.07
CA ARG A 297 3.57 -3.30 4.58
C ARG A 297 4.00 -1.93 4.07
N PHE A 298 3.10 -1.24 3.38
CA PHE A 298 3.40 0.10 2.86
C PHE A 298 3.68 1.03 4.02
N ILE A 299 2.78 1.02 5.00
CA ILE A 299 2.92 1.85 6.18
C ILE A 299 4.19 1.48 6.95
N ALA A 300 4.42 0.20 7.15
CA ALA A 300 5.70 -0.28 7.69
C ALA A 300 6.90 0.32 6.94
N SER A 301 6.86 0.36 5.61
CA SER A 301 7.98 0.89 4.82
C SER A 301 8.19 2.36 5.07
N ILE A 302 7.09 3.10 5.28
CA ILE A 302 7.18 4.53 5.64
C ILE A 302 7.79 4.68 7.05
N LYS A 304 9.91 2.73 8.49
CA LYS A 304 11.33 2.43 8.37
C LYS A 304 12.09 3.61 7.78
N GLU A 305 11.44 4.35 6.89
CA GLU A 305 12.07 5.53 6.33
C GLU A 305 12.30 6.57 7.43
N VAL A 306 11.29 6.77 8.26
CA VAL A 306 11.38 7.71 9.37
C VAL A 306 12.43 7.25 10.36
N LYS A 307 12.37 5.98 10.72
CA LYS A 307 13.30 5.43 11.70
C LYS A 307 14.77 5.62 11.25
N PHE A 308 15.13 5.21 10.04
CA PHE A 308 16.54 5.19 9.60
C PHE A 308 16.98 6.39 8.82
N LYS A 309 16.05 7.11 8.18
CA LYS A 309 16.44 8.28 7.40
C LYS A 309 15.76 9.57 7.84
N ASP A 310 14.88 9.51 8.84
CA ASP A 310 14.30 10.71 9.40
C ASP A 310 13.52 11.53 8.36
N ARG A 311 12.85 10.84 7.45
CA ARG A 311 11.93 11.49 6.54
C ARG A 311 10.86 10.44 6.22
N PRO A 312 9.65 10.85 5.82
CA PRO A 312 9.14 12.19 5.57
C PRO A 312 8.87 13.01 6.84
N LEU A 313 9.03 12.41 8.02
CA LEU A 313 8.99 13.16 9.29
C LEU A 313 10.23 12.81 10.13
N LYS A 314 10.66 13.77 10.97
CA LYS A 314 11.78 13.57 11.85
C LYS A 314 11.23 13.00 13.15
N LYS A 315 12.04 12.13 13.76
CA LYS A 315 11.71 11.57 15.07
C LYS A 315 11.77 12.66 16.15
N PRO A 316 10.82 12.67 17.09
CA PRO A 316 9.74 11.69 17.29
C PRO A 316 8.60 11.96 16.34
N ALA A 317 8.15 10.94 15.62
CA ALA A 317 7.19 11.15 14.51
C ALA A 317 5.91 10.38 14.76
N ALA A 318 4.82 10.93 14.24
CA ALA A 318 3.51 10.30 14.24
C ALA A 318 2.91 10.42 12.84
N LEU A 319 2.82 9.27 12.15
CA LEU A 319 2.22 9.18 10.81
C LEU A 319 0.78 8.78 10.98
N ILE A 320 -0.15 9.53 10.36
CA ILE A 320 -1.60 9.23 10.50
C ILE A 320 -2.25 8.79 9.17
N PHE A 321 -3.00 7.68 9.23
CA PHE A 321 -3.73 7.14 8.07
C PHE A 321 -5.21 6.85 8.40
N GLY A 322 -6.06 7.16 7.43
CA GLY A 322 -7.49 6.88 7.53
C GLY A 322 -8.00 6.33 6.22
N GLY A 323 -9.04 5.51 6.30
CA GLY A 323 -9.70 5.01 5.10
C GLY A 323 -10.55 3.80 5.37
N GLU A 324 -10.68 2.97 4.35
CA GLU A 324 -11.43 1.70 4.50
C GLU A 324 -10.81 0.61 3.61
N THR A 325 -9.89 -0.17 4.21
CA THR A 325 -9.18 -1.23 3.47
C THR A 325 -10.15 -2.36 3.20
N VAL A 326 -9.70 -3.35 2.42
CA VAL A 326 -10.47 -4.57 2.16
C VAL A 326 -9.59 -5.77 2.34
N VAL A 327 -10.24 -6.93 2.46
CA VAL A 327 -9.55 -8.20 2.61
C VAL A 327 -10.18 -9.16 1.63
N HIS A 328 -9.37 -9.76 0.74
CA HIS A 328 -9.84 -10.83 -0.14
C HIS A 328 -9.71 -12.13 0.66
N VAL A 329 -10.84 -12.62 1.14
CA VAL A 329 -10.80 -13.67 2.14
C VAL A 329 -10.51 -14.97 1.45
N LYS A 330 -9.38 -15.60 1.80
CA LYS A 330 -8.92 -16.87 1.21
C LYS A 330 -9.01 -18.05 2.20
N GLY A 331 -8.90 -17.79 3.51
CA GLY A 331 -8.92 -18.83 4.54
C GLY A 331 -10.17 -18.81 5.39
N ASN A 332 -10.14 -19.54 6.51
CA ASN A 332 -11.33 -19.66 7.36
C ASN A 332 -11.11 -19.20 8.81
N GLY A 333 -10.06 -18.43 9.05
CA GLY A 333 -9.79 -17.89 10.37
C GLY A 333 -10.76 -16.81 10.78
N ILE A 334 -10.53 -16.22 11.95
CA ILE A 334 -11.25 -15.06 12.37
C ILE A 334 -10.32 -13.85 12.48
N GLY A 335 -10.81 -12.70 12.02
CA GLY A 335 -10.00 -11.50 11.89
C GLY A 335 -10.83 -10.34 11.37
N GLY A 336 -10.16 -9.36 10.77
CA GLY A 336 -10.85 -8.22 10.24
C GLY A 336 -9.83 -7.39 9.51
N ARG A 337 -10.25 -6.42 8.72
CA ARG A 337 -9.28 -5.63 7.97
C ARG A 337 -8.21 -4.96 8.85
N ASN A 338 -8.62 -4.31 9.94
CA ASN A 338 -7.65 -3.61 10.78
C ASN A 338 -6.68 -4.57 11.48
N GLN A 339 -7.16 -5.77 11.77
CA GLN A 339 -6.30 -6.75 12.46
C GLN A 339 -5.27 -7.36 11.48
N GLU A 340 -5.67 -7.50 10.21
CA GLU A 340 -4.72 -7.96 9.18
C GLU A 340 -3.67 -6.91 8.86
N LEU A 341 -4.10 -5.66 8.79
CA LEU A 341 -3.18 -4.56 8.55
C LEU A 341 -2.11 -4.52 9.65
N ALA A 342 -2.51 -4.65 10.92
CA ALA A 342 -1.58 -4.68 12.06
C ALA A 342 -0.67 -5.91 12.06
N LEU A 343 -1.25 -7.10 11.86
CA LEU A 343 -0.44 -8.34 11.75
C LEU A 343 0.61 -8.36 10.62
N SER A 344 0.23 -7.82 9.47
CA SER A 344 1.15 -7.74 8.34
C SER A 344 2.30 -6.78 8.67
N ALA A 345 1.96 -5.64 9.28
CA ALA A 345 2.93 -4.65 9.69
C ALA A 345 3.91 -5.21 10.72
N ALA A 346 3.42 -5.95 11.71
CA ALA A 346 4.31 -6.51 12.73
C ALA A 346 5.39 -7.42 12.12
N ILE A 347 5.00 -8.15 11.08
CA ILE A 347 5.92 -8.96 10.30
C ILE A 347 6.99 -8.08 9.64
N ALA A 348 6.55 -7.06 8.92
CA ALA A 348 7.44 -6.07 8.28
C ALA A 348 8.35 -5.27 9.26
N LEU A 349 7.94 -5.11 10.52
CA LEU A 349 8.71 -4.34 11.49
C LEU A 349 9.47 -5.19 12.48
N GLU A 350 9.56 -6.51 12.25
CA GLU A 350 10.25 -7.37 13.20
C GLU A 350 11.66 -6.83 13.45
N GLY A 351 12.04 -6.73 14.72
CA GLY A 351 13.41 -6.41 15.11
C GLY A 351 13.77 -4.95 15.11
N ILE A 352 12.81 -4.07 14.94
CA ILE A 352 13.11 -2.65 14.93
C ILE A 352 12.65 -2.04 16.24
N GLU A 353 13.59 -1.47 16.98
CA GLU A 353 13.28 -0.72 18.19
C GLU A 353 12.46 0.50 17.83
N GLY A 354 11.63 0.95 18.76
CA GLY A 354 11.09 2.29 18.75
C GLY A 354 9.89 2.54 17.87
N VAL A 355 9.21 1.46 17.47
CA VAL A 355 8.07 1.59 16.55
C VAL A 355 6.80 1.01 17.13
N ILE A 356 5.71 1.77 17.03
CA ILE A 356 4.39 1.29 17.41
C ILE A 356 3.42 1.58 16.28
N LEU A 357 2.64 0.57 15.88
CA LEU A 357 1.52 0.82 14.97
C LEU A 357 0.22 0.35 15.60
N CYS A 358 -0.79 1.20 15.47
CA CYS A 358 -2.08 0.96 16.04
C CYS A 358 -3.15 1.22 15.02
N SER A 359 -3.95 0.21 14.71
CA SER A 359 -5.00 0.33 13.71
C SER A 359 -6.33 0.12 14.39
N ALA A 360 -7.38 0.81 13.95
CA ALA A 360 -8.67 0.69 14.65
C ALA A 360 -9.89 0.98 13.81
N GLY A 361 -10.87 0.08 13.84
CA GLY A 361 -12.17 0.38 13.30
C GLY A 361 -12.87 1.30 14.28
N THR A 362 -13.30 2.48 13.84
CA THR A 362 -13.99 3.47 14.69
C THR A 362 -15.33 3.00 15.25
N ASP A 363 -15.91 1.96 14.64
CA ASP A 363 -16.92 1.08 15.26
C ASP A 363 -16.57 0.71 16.69
N GLY A 364 -15.35 0.21 16.85
CA GLY A 364 -14.98 -0.65 17.96
C GLY A 364 -15.07 -2.12 17.60
N THR A 365 -15.37 -2.40 16.34
CA THR A 365 -15.67 -3.73 15.82
C THR A 365 -14.98 -4.02 14.48
N ASP A 366 -13.90 -4.76 14.53
CA ASP A 366 -13.14 -5.13 13.34
C ASP A 366 -13.55 -6.54 12.95
N GLY A 367 -14.13 -6.70 11.75
CA GLY A 367 -14.65 -8.01 11.32
C GLY A 367 -15.76 -8.44 12.28
N PRO A 368 -16.07 -9.74 12.32
CA PRO A 368 -17.03 -10.23 13.29
C PRO A 368 -16.33 -10.56 14.61
N THR A 369 -15.79 -9.53 15.29
CA THR A 369 -15.05 -9.73 16.54
C THR A 369 -15.32 -8.61 17.54
N ASP A 370 -14.88 -8.84 18.76
CA ASP A 370 -15.04 -7.87 19.86
C ASP A 370 -13.88 -6.87 19.91
N ALA A 371 -12.92 -7.03 18.99
CA ALA A 371 -11.75 -6.16 18.95
C ALA A 371 -11.92 -5.11 17.85
N ALA A 372 -11.27 -3.96 18.05
CA ALA A 372 -11.35 -2.82 17.14
C ALA A 372 -10.24 -2.88 16.16
N GLY A 373 -9.15 -3.55 16.52
CA GLY A 373 -7.99 -3.69 15.64
C GLY A 373 -6.75 -4.24 16.37
N GLY A 374 -5.58 -3.78 15.96
CA GLY A 374 -4.34 -4.30 16.49
C GLY A 374 -3.42 -3.23 17.04
N ILE A 375 -2.55 -3.61 17.97
CA ILE A 375 -1.53 -2.71 18.52
C ILE A 375 -0.23 -3.53 18.56
N VAL A 376 0.71 -3.19 17.70
CA VAL A 376 1.91 -4.01 17.43
C VAL A 376 3.22 -3.21 17.42
N ASP A 377 4.33 -3.92 17.64
CA ASP A 377 5.67 -3.32 17.51
C ASP A 377 6.71 -4.33 16.94
N GLY A 378 8.00 -4.01 17.08
CA GLY A 378 9.06 -4.83 16.50
C GLY A 378 9.32 -6.15 17.18
N SER A 379 8.68 -6.39 18.34
CA SER A 379 8.80 -7.66 19.07
C SER A 379 7.63 -8.62 18.85
N THR A 380 6.47 -8.08 18.46
CA THR A 380 5.24 -8.86 18.26
C THR A 380 5.44 -10.20 17.49
N ALA A 381 6.09 -10.12 16.33
CA ALA A 381 6.33 -11.32 15.49
C ALA A 381 7.24 -12.34 16.17
N LYS A 382 8.27 -11.88 16.86
CA LYS A 382 9.16 -12.79 17.58
C LYS A 382 8.52 -13.37 18.87
N THR A 383 7.56 -12.65 19.46
CA THR A 383 6.79 -13.21 20.57
C THR A 383 6.04 -14.45 20.06
N LEU A 384 5.45 -14.34 18.88
CA LEU A 384 4.77 -15.45 18.23
C LEU A 384 5.71 -16.60 17.82
N LYS A 385 6.83 -16.26 17.20
CA LYS A 385 7.83 -17.28 16.86
C LYS A 385 8.35 -18.00 18.10
N ALA A 386 8.64 -17.26 19.17
CA ALA A 386 9.10 -17.86 20.43
C ALA A 386 8.06 -18.78 21.05
N GLY A 388 6.38 -20.79 19.10
CA GLY A 388 6.28 -21.84 18.09
C GLY A 388 5.25 -21.53 17.02
N GLU A 389 4.75 -20.30 16.96
CA GLU A 389 3.73 -19.94 15.98
C GLU A 389 4.38 -19.27 14.78
N ASP A 390 3.76 -19.38 13.62
CA ASP A 390 4.20 -18.69 12.39
C ASP A 390 3.22 -17.58 11.96
N PRO A 391 3.65 -16.31 12.07
CA PRO A 391 2.81 -15.18 11.64
C PRO A 391 2.23 -15.23 10.21
N TYR A 392 3.00 -15.69 9.22
CA TYR A 392 2.51 -15.78 7.82
C TYR A 392 1.36 -16.75 7.67
N GLN A 393 1.39 -17.84 8.43
CA GLN A 393 0.34 -18.83 8.36
C GLN A 393 -1.01 -18.29 8.90
N TYR A 394 -0.96 -17.44 9.93
CA TYR A 394 -2.20 -16.81 10.47
C TYR A 394 -2.78 -15.86 9.45
N LEU A 395 -1.90 -15.14 8.78
CA LEU A 395 -2.30 -14.19 7.77
C LEU A 395 -2.83 -14.96 6.54
N LYS A 396 -2.09 -15.95 6.07
CA LYS A 396 -2.54 -16.74 4.91
C LYS A 396 -3.94 -17.29 5.13
N ASN A 397 -4.24 -17.64 6.37
CA ASN A 397 -5.50 -18.28 6.69
C ASN A 397 -6.59 -17.30 7.14
N ASN A 398 -6.31 -16.00 7.06
CA ASN A 398 -7.25 -14.95 7.50
C ASN A 398 -7.68 -15.13 8.97
N ASP A 399 -6.70 -15.41 9.81
CA ASP A 399 -6.87 -15.66 11.24
C ASP A 399 -6.04 -14.66 12.05
N SER A 400 -6.09 -13.40 11.64
CA SER A 400 -5.38 -12.30 12.33
C SER A 400 -5.77 -12.16 13.82
N TYR A 401 -7.06 -12.25 14.12
CA TYR A 401 -7.53 -12.12 15.53
C TYR A 401 -6.70 -12.95 16.47
N ASN A 402 -6.58 -14.25 16.16
CA ASN A 402 -5.91 -15.24 17.01
C ASN A 402 -4.42 -14.99 17.14
N ALA A 403 -3.77 -14.56 16.06
CA ALA A 403 -2.35 -14.23 16.11
C ALA A 403 -2.08 -13.08 17.06
N LEU A 404 -2.96 -12.08 17.02
CA LEU A 404 -2.84 -10.90 17.89
C LEU A 404 -3.19 -11.19 19.35
N LYS A 405 -4.22 -12.01 19.61
CA LYS A 405 -4.54 -12.41 21.00
C LYS A 405 -3.36 -13.12 21.66
N LYS A 406 -2.71 -14.02 20.92
CA LYS A 406 -1.60 -14.80 21.44
C LYS A 406 -0.38 -13.97 21.77
N SER A 407 -0.29 -12.80 21.18
CA SER A 407 0.87 -11.96 21.38
C SER A 407 0.52 -10.66 22.11
N GLY A 408 -0.69 -10.61 22.70
CA GLY A 408 -1.13 -9.46 23.49
C GLY A 408 -1.20 -8.19 22.70
N ALA A 409 -1.67 -8.28 21.46
CA ALA A 409 -1.60 -7.18 20.52
C ALA A 409 -2.97 -6.80 19.94
N LEU A 410 -4.05 -7.27 20.56
CA LEU A 410 -5.41 -6.87 20.18
C LEU A 410 -5.73 -5.51 20.83
N LEU A 411 -6.34 -4.61 20.06
CA LEU A 411 -6.91 -3.37 20.61
C LEU A 411 -8.39 -3.58 20.85
N ILE A 412 -8.79 -3.50 22.12
CA ILE A 412 -10.18 -3.69 22.54
C ILE A 412 -10.70 -2.37 23.07
N THR A 413 -11.61 -1.74 22.35
CA THR A 413 -12.22 -0.48 22.77
C THR A 413 -13.64 -0.67 23.26
N GLY A 414 -14.34 -1.65 22.69
CA GLY A 414 -15.78 -1.82 22.90
C GLY A 414 -16.51 -1.10 21.79
N PRO A 415 -17.82 -1.28 21.68
CA PRO A 415 -18.58 -0.48 20.72
C PRO A 415 -18.49 1.01 21.04
N THR A 416 -18.22 1.84 20.03
CA THR A 416 -18.09 3.29 20.25
C THR A 416 -19.39 4.04 20.14
N GLY A 417 -20.37 3.47 19.46
CA GLY A 417 -21.57 4.19 19.07
C GLY A 417 -21.36 5.14 17.88
N THR A 418 -20.28 4.95 17.12
CA THR A 418 -20.09 5.66 15.87
C THR A 418 -19.41 4.77 14.81
N ASN A 419 -19.40 5.23 13.57
CA ASN A 419 -18.64 4.57 12.52
C ASN A 419 -18.24 5.55 11.42
N VAL A 420 -16.94 5.85 11.36
CA VAL A 420 -16.42 6.65 10.25
C VAL A 420 -15.21 5.96 9.66
N ASN A 421 -15.30 4.64 9.55
CA ASN A 421 -14.28 3.78 8.95
C ASN A 421 -13.00 3.66 9.83
N ASP A 422 -11.81 3.71 9.24
CA ASP A 422 -10.59 3.24 9.92
C ASP A 422 -9.59 4.37 10.24
N LEU A 423 -8.98 4.29 11.42
CA LEU A 423 -7.85 5.14 11.78
C LEU A 423 -6.60 4.27 12.02
N ILE A 424 -5.49 4.62 11.38
CA ILE A 424 -4.22 3.97 11.63
C ILE A 424 -3.21 5.02 12.06
N ILE A 425 -2.45 4.71 13.10
CA ILE A 425 -1.40 5.60 13.62
C ILE A 425 -0.07 4.84 13.78
N GLY A 426 1.01 5.42 13.28
CA GLY A 426 2.33 4.86 13.45
C GLY A 426 3.27 5.84 14.15
N LEU A 427 3.92 5.40 15.23
CA LEU A 427 4.82 6.23 16.00
C LEU A 427 6.25 5.71 15.90
N ILE A 428 7.19 6.63 15.74
CA ILE A 428 8.60 6.29 15.64
C ILE A 428 9.42 7.18 16.57
N VAL A 429 10.32 6.59 17.36
CA VAL A 429 11.25 7.36 18.20
C VAL A 429 12.68 6.80 18.19
N PRO B 16 -0.27 20.32 -19.12
CA PRO B 16 -0.87 18.98 -19.03
C PRO B 16 0.03 17.89 -19.61
N GLU B 17 0.36 18.04 -20.90
CA GLU B 17 1.30 17.16 -21.59
C GLU B 17 2.71 17.54 -21.13
N SER B 18 2.90 18.82 -20.84
CA SER B 18 4.16 19.31 -20.29
C SER B 18 4.46 18.76 -18.89
N LEU B 19 3.43 18.51 -18.10
CA LEU B 19 3.65 17.89 -16.78
C LEU B 19 4.13 16.43 -16.97
N LYS B 20 3.49 15.73 -17.90
CA LYS B 20 3.91 14.40 -18.33
C LYS B 20 5.41 14.41 -18.69
N LYS B 21 5.81 15.36 -19.55
CA LYS B 21 7.20 15.46 -20.03
C LYS B 21 8.17 15.78 -18.89
N LEU B 22 7.69 16.58 -17.95
CA LEU B 22 8.47 16.96 -16.77
C LEU B 22 8.76 15.80 -15.82
N ALA B 23 7.76 14.93 -15.65
CA ALA B 23 7.92 13.71 -14.83
C ALA B 23 8.84 12.69 -15.46
N ILE B 24 8.78 12.56 -16.78
CA ILE B 24 9.67 11.67 -17.55
C ILE B 24 11.14 12.14 -17.42
N GLU B 25 11.36 13.43 -17.60
CA GLU B 25 12.69 14.00 -17.50
C GLU B 25 13.26 13.74 -16.13
N ILE B 26 12.47 13.91 -15.09
CA ILE B 26 12.93 13.67 -13.71
C ILE B 26 13.34 12.19 -13.50
N VAL B 27 12.48 11.28 -13.93
CA VAL B 27 12.78 9.87 -13.85
C VAL B 27 14.05 9.54 -14.66
N LYS B 28 14.14 10.04 -15.90
CA LYS B 28 15.30 9.73 -16.74
C LYS B 28 16.60 10.25 -16.10
N LYS B 29 16.64 11.52 -15.70
CA LYS B 29 17.86 12.09 -15.11
C LYS B 29 18.16 11.55 -13.70
N SER B 30 17.14 11.07 -12.99
CA SER B 30 17.35 10.46 -11.67
C SER B 30 18.14 9.17 -11.74
N ILE B 31 17.80 8.33 -12.73
CA ILE B 31 18.47 7.05 -12.95
C ILE B 31 19.93 7.22 -13.42
N GLU B 32 20.18 8.21 -14.28
CA GLU B 32 21.56 8.58 -14.68
C GLU B 32 22.52 8.67 -13.50
N ALA B 33 22.00 9.12 -12.34
CA ALA B 33 22.81 9.23 -11.12
C ALA B 33 23.40 7.91 -10.66
N VAL B 34 22.82 6.77 -11.07
CA VAL B 34 23.42 5.44 -10.80
C VAL B 34 23.87 4.66 -12.05
N PHE B 35 24.21 5.36 -13.14
CA PHE B 35 24.85 4.72 -14.28
C PHE B 35 26.22 4.29 -13.83
N PRO B 36 26.67 3.08 -14.26
CA PRO B 36 28.01 2.57 -13.89
C PRO B 36 29.15 3.58 -14.14
N ASP B 37 29.22 4.16 -15.33
CA ASP B 37 30.27 5.14 -15.66
C ASP B 37 30.30 6.21 -14.58
N ARG B 38 29.16 6.87 -14.38
CA ARG B 38 29.10 7.97 -13.44
C ARG B 38 29.31 7.54 -11.98
N ALA B 39 28.77 6.40 -11.59
CA ALA B 39 28.87 5.97 -10.19
C ALA B 39 30.33 5.72 -9.78
N VAL B 40 31.10 5.10 -10.67
CA VAL B 40 32.50 4.82 -10.42
C VAL B 40 33.31 6.11 -10.36
N LYS B 41 33.17 6.94 -11.40
CA LYS B 41 33.95 8.16 -11.51
C LYS B 41 33.71 9.16 -10.37
N GLU B 42 32.51 9.16 -9.81
CA GLU B 42 32.21 10.01 -8.67
C GLU B 42 32.77 9.50 -7.35
N THR B 43 33.22 8.25 -7.31
CA THR B 43 33.76 7.68 -6.07
C THR B 43 35.25 7.27 -6.15
N LEU B 44 35.65 6.59 -7.22
CA LEU B 44 36.96 5.95 -7.28
C LEU B 44 38.15 6.90 -7.14
N PRO B 45 38.10 8.10 -7.76
CA PRO B 45 39.23 9.02 -7.59
C PRO B 45 39.49 9.43 -6.14
N LYS B 46 38.42 9.69 -5.36
CA LYS B 46 38.57 10.02 -3.94
C LYS B 46 39.44 8.98 -3.18
N LEU B 47 39.44 7.72 -3.63
CA LEU B 47 40.08 6.63 -2.87
C LEU B 47 41.60 6.54 -3.04
N ASN B 48 42.15 7.15 -4.09
CA ASN B 48 43.60 7.18 -4.35
C ASN B 48 44.26 5.79 -4.39
N LEU B 49 43.77 4.91 -5.26
CA LEU B 49 44.24 3.52 -5.27
C LEU B 49 45.50 3.34 -6.10
N ASP B 50 46.32 2.40 -5.68
CA ASP B 50 47.52 2.02 -6.45
C ASP B 50 47.80 0.52 -6.36
N ARG B 51 48.63 0.03 -7.29
CA ARG B 51 49.00 -1.40 -7.40
C ARG B 51 47.74 -2.27 -7.51
N VAL B 52 46.86 -1.92 -8.45
CA VAL B 52 45.51 -2.50 -8.50
C VAL B 52 45.40 -3.73 -9.41
N ILE B 53 44.78 -4.78 -8.86
CA ILE B 53 44.26 -5.88 -9.67
C ILE B 53 42.76 -5.65 -9.71
N LEU B 54 42.22 -5.48 -10.91
CA LEU B 54 40.80 -5.16 -11.06
C LEU B 54 39.99 -6.44 -11.35
N VAL B 55 39.03 -6.74 -10.47
CA VAL B 55 38.08 -7.86 -10.64
C VAL B 55 36.68 -7.29 -10.72
N ALA B 56 36.00 -7.45 -11.86
CA ALA B 56 34.65 -6.88 -12.05
C ALA B 56 33.65 -7.99 -12.42
N VAL B 57 32.66 -8.19 -11.55
CA VAL B 57 31.72 -9.30 -11.67
C VAL B 57 30.32 -8.75 -11.54
N GLY B 58 29.49 -9.04 -12.54
CA GLY B 58 28.10 -8.59 -12.52
C GLY B 58 27.56 -8.27 -13.89
N LYS B 59 26.26 -7.93 -13.93
CA LYS B 59 25.61 -7.54 -15.18
C LYS B 59 26.19 -6.24 -15.72
N ALA B 60 26.64 -5.36 -14.81
CA ALA B 60 27.26 -4.07 -15.18
C ALA B 60 28.81 -4.11 -15.15
N ALA B 61 29.38 -5.31 -15.18
CA ALA B 61 30.84 -5.48 -14.99
C ALA B 61 31.63 -4.75 -16.05
N TRP B 62 31.24 -4.90 -17.31
CA TRP B 62 31.99 -4.32 -18.43
C TRP B 62 32.09 -2.79 -18.33
N ARG B 63 30.98 -2.12 -18.02
CA ARG B 63 30.97 -0.66 -18.04
C ARG B 63 31.61 -0.09 -16.76
N ALA B 65 34.11 -1.64 -15.28
CA ALA B 65 35.53 -1.89 -15.52
C ALA B 65 36.11 -0.81 -16.42
N LYS B 66 35.44 -0.53 -17.54
CA LYS B 66 35.87 0.55 -18.45
C LYS B 66 36.05 1.89 -17.74
N ALA B 67 35.11 2.23 -16.87
CA ALA B 67 35.19 3.49 -16.12
C ALA B 67 36.37 3.52 -15.14
N ALA B 68 36.66 2.39 -14.49
CA ALA B 68 37.82 2.25 -13.59
C ALA B 68 39.17 2.37 -14.29
N TYR B 69 39.25 1.81 -15.49
CA TYR B 69 40.42 1.93 -16.33
C TYR B 69 40.70 3.40 -16.67
N GLU B 70 39.64 4.14 -17.00
CA GLU B 70 39.75 5.56 -17.35
C GLU B 70 40.19 6.39 -16.15
N VAL B 71 39.70 6.05 -14.98
CA VAL B 71 40.17 6.70 -13.75
C VAL B 71 41.65 6.36 -13.42
N LEU B 72 42.03 5.09 -13.48
CA LEU B 72 43.34 4.61 -12.97
C LEU B 72 44.47 4.40 -14.01
N GLY B 73 44.13 3.91 -15.21
CA GLY B 73 45.13 3.56 -16.21
C GLY B 73 46.16 2.50 -15.79
N LYS B 74 47.42 2.79 -16.07
CA LYS B 74 48.51 1.83 -15.85
C LYS B 74 48.70 1.42 -14.37
N LYS B 75 48.01 2.10 -13.44
CA LYS B 75 47.97 1.69 -12.04
C LYS B 75 47.25 0.36 -11.85
N ILE B 76 46.43 -0.02 -12.84
CA ILE B 76 45.87 -1.37 -12.92
C ILE B 76 46.88 -2.25 -13.64
N ARG B 77 47.35 -3.30 -12.96
CA ARG B 77 48.35 -4.22 -13.49
C ARG B 77 47.70 -5.32 -14.32
N LYS B 78 46.51 -5.73 -13.89
CA LYS B 78 45.77 -6.82 -14.52
C LYS B 78 44.30 -6.54 -14.32
N GLY B 79 43.49 -6.77 -15.34
CA GLY B 79 42.04 -6.62 -15.24
C GLY B 79 41.35 -7.89 -15.70
N VAL B 80 40.20 -8.21 -15.07
CA VAL B 80 39.40 -9.34 -15.50
C VAL B 80 37.93 -9.02 -15.29
N VAL B 81 37.10 -9.41 -16.27
CA VAL B 81 35.67 -9.07 -16.32
C VAL B 81 34.86 -10.35 -16.52
N VAL B 82 33.87 -10.56 -15.67
CA VAL B 82 32.90 -11.64 -15.84
C VAL B 82 31.49 -11.05 -15.85
N THR B 83 30.72 -11.32 -16.90
CA THR B 83 29.35 -10.79 -16.99
C THR B 83 28.38 -11.79 -17.69
N LYS B 84 27.12 -11.40 -17.84
CA LYS B 84 26.15 -12.23 -18.54
C LYS B 84 26.53 -12.41 -20.02
N TYR B 85 26.18 -13.56 -20.59
CA TYR B 85 26.32 -13.78 -22.02
C TYR B 85 25.71 -12.61 -22.80
N GLY B 86 26.47 -12.10 -23.78
CA GLY B 86 26.04 -10.99 -24.64
C GLY B 86 26.16 -9.60 -24.04
N HIS B 87 26.69 -9.49 -22.82
CA HIS B 87 26.69 -8.21 -22.11
C HIS B 87 27.96 -7.42 -22.28
N SER B 88 29.06 -8.13 -22.53
CA SER B 88 30.36 -7.48 -22.71
C SER B 88 30.39 -6.76 -24.04
N GLU B 89 31.11 -5.65 -24.08
CA GLU B 89 31.15 -4.77 -25.25
C GLU B 89 32.57 -4.64 -25.84
N GLY B 90 33.36 -5.73 -25.81
CA GLY B 90 34.67 -5.80 -26.46
C GLY B 90 35.87 -5.54 -25.56
N PRO B 91 37.05 -5.32 -26.16
CA PRO B 91 38.27 -5.17 -25.38
C PRO B 91 38.26 -3.94 -24.45
N ILE B 92 38.97 -4.05 -23.33
CA ILE B 92 39.34 -2.90 -22.50
C ILE B 92 40.85 -3.01 -22.24
N ASP B 93 41.65 -2.25 -22.99
CA ASP B 93 43.11 -2.38 -23.00
C ASP B 93 43.44 -3.86 -23.17
N ASP B 94 44.02 -4.49 -22.13
CA ASP B 94 44.36 -5.93 -22.16
C ASP B 94 43.74 -6.69 -20.97
N PHE B 95 42.64 -6.17 -20.44
CA PHE B 95 41.81 -6.88 -19.46
C PHE B 95 41.33 -8.15 -20.15
N GLU B 96 41.10 -9.17 -19.32
CA GLU B 96 40.49 -10.43 -19.78
C GLU B 96 38.98 -10.29 -19.66
N ILE B 97 38.29 -10.40 -20.78
CA ILE B 97 36.84 -10.25 -20.83
C ILE B 97 36.17 -11.63 -20.99
N TYR B 98 35.43 -12.05 -19.96
CA TYR B 98 34.68 -13.32 -19.97
C TYR B 98 33.19 -13.11 -19.66
N GLU B 99 32.41 -14.11 -20.06
CA GLU B 99 30.99 -14.20 -19.80
C GLU B 99 30.65 -15.61 -19.28
N ALA B 100 29.58 -15.72 -18.52
CA ALA B 100 29.23 -16.98 -17.87
C ALA B 100 27.75 -17.10 -17.55
N GLY B 101 27.38 -18.23 -16.95
CA GLY B 101 25.99 -18.58 -16.73
C GLY B 101 25.25 -17.76 -15.70
N HIS B 102 24.06 -17.30 -16.08
CA HIS B 102 23.15 -16.59 -15.19
C HIS B 102 21.75 -16.71 -15.82
N PRO B 103 20.72 -16.91 -15.00
CA PRO B 103 20.66 -16.91 -13.54
C PRO B 103 21.16 -18.18 -12.83
N VAL B 104 21.67 -19.16 -13.58
CA VAL B 104 22.21 -20.41 -13.02
C VAL B 104 23.66 -20.52 -13.44
N PRO B 105 24.55 -20.95 -12.51
CA PRO B 105 25.98 -21.04 -12.86
C PRO B 105 26.26 -22.23 -13.75
N ASP B 106 27.20 -22.08 -14.69
CA ASP B 106 27.56 -23.19 -15.59
C ASP B 106 29.07 -23.49 -15.55
N GLU B 107 29.59 -24.22 -16.53
CA GLU B 107 31.01 -24.58 -16.62
C GLU B 107 31.90 -23.36 -16.87
N ASN B 108 31.37 -22.37 -17.57
CA ASN B 108 32.08 -21.12 -17.76
C ASN B 108 32.23 -20.33 -16.46
N THR B 109 31.22 -20.40 -15.59
CA THR B 109 31.34 -19.80 -14.25
C THR B 109 32.55 -20.36 -13.48
N ILE B 110 32.61 -21.69 -13.40
CA ILE B 110 33.72 -22.43 -12.81
C ILE B 110 35.11 -22.08 -13.41
N LYS B 111 35.20 -22.11 -14.74
CA LYS B 111 36.44 -21.75 -15.45
C LYS B 111 36.88 -20.32 -15.13
N THR B 112 35.95 -19.35 -15.26
CA THR B 112 36.28 -17.93 -15.04
C THR B 112 36.63 -17.62 -13.58
N THR B 113 35.87 -18.20 -12.65
CA THR B 113 36.11 -18.00 -11.21
C THR B 113 37.49 -18.58 -10.83
N ARG B 114 37.77 -19.77 -11.33
CA ARG B 114 39.07 -20.36 -11.11
C ARG B 114 40.19 -19.43 -11.58
N ARG B 115 39.96 -18.77 -12.71
CA ARG B 115 40.91 -17.82 -13.26
C ARG B 115 41.08 -16.53 -12.41
N VAL B 116 40.00 -16.06 -11.79
CA VAL B 116 40.06 -14.94 -10.86
C VAL B 116 40.94 -15.24 -9.66
N LEU B 117 40.88 -16.48 -9.18
CA LEU B 117 41.62 -16.87 -7.98
C LEU B 117 43.10 -17.01 -8.30
N GLU B 118 43.43 -17.34 -9.55
CA GLU B 118 44.83 -17.38 -9.99
C GLU B 118 45.40 -15.96 -10.02
N LEU B 119 44.55 -15.00 -10.34
CA LEU B 119 44.96 -13.63 -10.38
C LEU B 119 45.15 -13.02 -8.97
N VAL B 120 44.47 -13.56 -7.95
CA VAL B 120 44.49 -12.93 -6.62
C VAL B 120 45.29 -13.68 -5.53
N ASP B 121 45.69 -14.92 -5.78
CA ASP B 121 46.58 -15.61 -4.83
C ASP B 121 48.00 -15.07 -4.94
N GLN B 122 48.75 -15.25 -3.87
CA GLN B 122 50.12 -14.72 -3.80
C GLN B 122 50.21 -13.24 -4.19
N LEU B 123 49.41 -12.40 -3.54
CA LEU B 123 49.56 -10.95 -3.60
C LEU B 123 50.08 -10.53 -2.25
N ASN B 124 50.78 -9.40 -2.18
CA ASN B 124 51.34 -8.94 -0.90
C ASN B 124 50.49 -7.84 -0.27
N GLU B 125 50.83 -7.44 0.96
CA GLU B 125 50.00 -6.44 1.66
C GLU B 125 50.02 -5.05 0.99
N ASN B 126 50.95 -4.82 0.07
CA ASN B 126 51.03 -3.57 -0.67
C ASN B 126 50.08 -3.51 -1.86
N ASP B 127 49.43 -4.63 -2.19
CA ASP B 127 48.54 -4.68 -3.35
C ASP B 127 47.12 -4.41 -2.92
N THR B 128 46.29 -3.99 -3.87
CA THR B 128 44.85 -3.87 -3.65
C THR B 128 44.04 -4.46 -4.80
N VAL B 129 43.03 -5.24 -4.46
CA VAL B 129 42.05 -5.73 -5.42
C VAL B 129 40.87 -4.76 -5.45
N LEU B 130 40.60 -4.21 -6.64
CA LEU B 130 39.44 -3.34 -6.86
C LEU B 130 38.26 -4.20 -7.31
N PHE B 131 37.36 -4.49 -6.36
CA PHE B 131 36.25 -5.41 -6.61
C PHE B 131 35.03 -4.61 -7.08
N LEU B 132 34.74 -4.67 -8.39
CA LEU B 132 33.59 -3.94 -8.98
C LEU B 132 32.38 -4.86 -9.11
N LEU B 133 31.41 -4.70 -8.21
CA LEU B 133 30.33 -5.69 -8.04
C LEU B 133 29.00 -5.10 -8.43
N SER B 134 28.23 -5.87 -9.21
CA SER B 134 26.82 -5.59 -9.52
C SER B 134 26.02 -6.91 -9.52
N GLY B 135 24.74 -6.83 -9.86
CA GLY B 135 23.83 -7.97 -9.80
C GLY B 135 24.26 -9.19 -10.60
N GLY B 136 23.83 -10.37 -10.15
CA GLY B 136 24.14 -11.64 -10.81
C GLY B 136 25.37 -12.38 -10.25
N GLY B 137 26.03 -11.77 -9.26
CA GLY B 137 27.26 -12.31 -8.68
C GLY B 137 27.19 -13.71 -8.06
N SER B 138 26.03 -14.10 -7.52
CA SER B 138 25.88 -15.45 -7.00
C SER B 138 26.03 -16.52 -8.11
N SER B 139 25.48 -16.22 -9.28
CA SER B 139 25.56 -17.13 -10.41
C SER B 139 26.88 -16.96 -11.17
N LEU B 140 27.38 -15.71 -11.23
CA LEU B 140 28.53 -15.37 -12.09
C LEU B 140 29.89 -15.62 -11.44
N PHE B 141 29.90 -15.72 -10.11
CA PHE B 141 31.12 -15.92 -9.36
C PHE B 141 30.89 -17.11 -8.44
N GLU B 142 31.51 -18.25 -8.78
CA GLU B 142 31.35 -19.52 -8.03
C GLU B 142 32.35 -20.61 -8.45
N LEU B 143 32.78 -21.40 -7.47
CA LEU B 143 33.66 -22.53 -7.69
C LEU B 143 33.53 -23.42 -6.45
N PRO B 144 32.92 -24.60 -6.60
CA PRO B 144 32.67 -25.38 -5.40
C PRO B 144 33.95 -25.82 -4.69
N LEU B 145 33.80 -26.20 -3.42
CA LEU B 145 34.90 -26.80 -2.68
C LEU B 145 35.26 -28.14 -3.32
N GLU B 146 36.55 -28.48 -3.31
CA GLU B 146 37.00 -29.75 -3.86
C GLU B 146 36.14 -30.89 -3.30
N GLY B 147 35.64 -31.72 -4.22
CA GLY B 147 34.78 -32.86 -3.88
C GLY B 147 33.29 -32.55 -3.91
N VAL B 148 32.94 -31.30 -4.23
CA VAL B 148 31.53 -30.90 -4.42
C VAL B 148 31.33 -30.55 -5.89
N SER B 149 30.22 -31.01 -6.46
CA SER B 149 29.91 -30.73 -7.86
C SER B 149 28.97 -29.54 -8.00
N LEU B 150 29.15 -28.77 -9.08
CA LEU B 150 28.21 -27.73 -9.50
C LEU B 150 26.78 -28.26 -9.53
N GLU B 151 26.61 -29.46 -10.06
CA GLU B 151 25.29 -30.10 -10.20
C GLU B 151 24.61 -30.28 -8.83
N GLU B 152 25.39 -30.68 -7.81
CA GLU B 152 24.91 -30.78 -6.42
C GLU B 152 24.45 -29.43 -5.91
N ILE B 153 25.24 -28.40 -6.19
CA ILE B 153 24.88 -27.04 -5.84
C ILE B 153 23.52 -26.70 -6.49
N GLN B 154 23.49 -26.68 -7.82
CA GLN B 154 22.27 -26.39 -8.57
C GLN B 154 21.09 -27.14 -7.97
N LYS B 155 21.25 -28.44 -7.72
CA LYS B 155 20.12 -29.23 -7.25
C LYS B 155 19.74 -28.92 -5.79
N LEU B 156 20.73 -28.65 -4.95
CA LEU B 156 20.47 -28.37 -3.52
C LEU B 156 19.66 -27.11 -3.29
N THR B 157 20.06 -26.06 -4.02
CA THR B 157 19.39 -24.77 -4.00
C THR B 157 17.92 -24.92 -4.39
N SER B 158 17.69 -25.60 -5.52
CA SER B 158 16.34 -25.72 -6.05
C SER B 158 15.48 -26.53 -5.09
N ALA B 159 16.07 -27.56 -4.47
CA ALA B 159 15.34 -28.33 -3.46
C ALA B 159 14.99 -27.46 -2.24
N LEU B 160 15.87 -26.51 -1.93
CA LEU B 160 15.63 -25.60 -0.81
C LEU B 160 14.53 -24.59 -1.13
N LEU B 161 14.64 -23.94 -2.29
CA LEU B 161 13.59 -23.04 -2.78
C LEU B 161 12.24 -23.73 -2.78
N LYS B 162 12.21 -24.88 -3.43
CA LYS B 162 11.02 -25.70 -3.52
C LYS B 162 10.46 -25.98 -2.11
N SER B 163 11.33 -26.30 -1.16
CA SER B 163 10.90 -26.65 0.20
C SER B 163 10.50 -25.45 1.05
N GLY B 164 10.66 -24.25 0.50
CA GLY B 164 10.22 -23.02 1.15
C GLY B 164 11.24 -22.47 2.14
N ALA B 165 12.50 -22.62 1.83
CA ALA B 165 13.53 -22.12 2.71
C ALA B 165 13.64 -20.62 2.54
N SER B 166 14.12 -19.94 3.57
CA SER B 166 14.30 -18.49 3.53
C SER B 166 15.57 -18.19 2.78
N ILE B 167 15.69 -16.96 2.29
CA ILE B 167 16.88 -16.54 1.54
C ILE B 167 18.13 -16.71 2.41
N GLU B 168 17.98 -16.40 3.70
CA GLU B 168 19.09 -16.48 4.64
C GLU B 168 19.55 -17.94 4.82
N GLU B 169 18.59 -18.85 4.88
CA GLU B 169 18.89 -20.27 5.04
C GLU B 169 19.60 -20.79 3.80
N ILE B 170 19.15 -20.37 2.63
CA ILE B 170 19.80 -20.81 1.40
C ILE B 170 21.24 -20.31 1.40
N ASN B 171 21.38 -19.05 1.81
CA ASN B 171 22.65 -18.37 1.88
C ASN B 171 23.64 -19.03 2.87
N THR B 172 23.16 -19.44 4.04
CA THR B 172 24.00 -20.16 4.99
C THR B 172 24.61 -21.38 4.32
N VAL B 173 23.77 -22.19 3.67
CA VAL B 173 24.22 -23.45 3.06
C VAL B 173 25.13 -23.18 1.86
N ARG B 174 24.73 -22.22 1.02
CA ARG B 174 25.54 -21.89 -0.15
C ARG B 174 26.96 -21.39 0.20
N LYS B 175 27.10 -20.62 1.27
CA LYS B 175 28.42 -20.09 1.66
C LYS B 175 29.35 -21.23 2.10
N HIS B 176 28.79 -22.28 2.69
CA HIS B 176 29.57 -23.41 3.22
C HIS B 176 29.83 -24.51 2.17
N LEU B 177 29.42 -24.27 0.91
CA LEU B 177 29.76 -25.14 -0.24
C LEU B 177 30.71 -24.48 -1.28
N SER B 178 31.28 -23.32 -0.95
CA SER B 178 31.94 -22.47 -1.96
C SER B 178 33.35 -22.04 -1.58
N GLN B 179 34.15 -21.78 -2.60
CA GLN B 179 35.49 -21.29 -2.42
C GLN B 179 35.58 -19.76 -2.46
N VAL B 180 34.47 -19.07 -2.75
CA VAL B 180 34.46 -17.61 -2.85
C VAL B 180 33.39 -16.88 -2.02
N LYS B 181 32.24 -17.52 -1.83
CA LYS B 181 31.16 -16.90 -1.08
C LYS B 181 31.55 -16.88 0.41
N GLY B 182 30.73 -16.25 1.24
CA GLY B 182 30.94 -16.23 2.71
C GLY B 182 32.27 -15.70 3.18
N GLY B 183 32.78 -14.69 2.49
CA GLY B 183 34.04 -14.03 2.85
C GLY B 183 35.31 -14.66 2.32
N ARG B 184 35.18 -15.79 1.62
CA ARG B 184 36.35 -16.60 1.23
C ARG B 184 37.21 -15.91 0.17
N PHE B 185 36.57 -15.18 -0.74
CA PHE B 185 37.26 -14.36 -1.72
C PHE B 185 38.21 -13.35 -1.06
N ALA B 186 37.74 -12.63 -0.06
CA ALA B 186 38.61 -11.69 0.66
C ALA B 186 39.68 -12.45 1.42
N GLU B 187 39.30 -13.63 1.89
CA GLU B 187 40.23 -14.50 2.61
C GLU B 187 41.37 -15.00 1.68
N ARG B 188 41.09 -15.17 0.38
CA ARG B 188 42.13 -15.53 -0.62
C ARG B 188 42.99 -14.34 -1.05
N VAL B 189 42.35 -13.18 -1.14
CA VAL B 189 43.04 -11.95 -1.52
C VAL B 189 44.08 -11.61 -0.48
N PHE B 190 43.79 -11.94 0.79
CA PHE B 190 44.77 -11.79 1.86
C PHE B 190 46.11 -12.37 1.45
N PRO B 191 47.20 -11.69 1.83
CA PRO B 191 47.32 -10.43 2.59
C PRO B 191 47.01 -9.11 1.87
N ALA B 192 46.70 -9.14 0.59
CA ALA B 192 46.30 -7.89 -0.09
C ALA B 192 44.98 -7.35 0.42
N LYS B 193 44.74 -6.07 0.14
CA LYS B 193 43.52 -5.38 0.54
C LYS B 193 42.42 -5.54 -0.51
N VAL B 194 41.17 -5.61 -0.06
CA VAL B 194 40.01 -5.56 -0.95
C VAL B 194 39.26 -4.25 -0.79
N VAL B 195 39.17 -3.49 -1.89
CA VAL B 195 38.35 -2.30 -1.97
C VAL B 195 37.20 -2.58 -2.94
N ALA B 196 35.99 -2.68 -2.40
CA ALA B 196 34.85 -3.02 -3.22
C ALA B 196 33.97 -1.81 -3.51
N LEU B 197 33.59 -1.69 -4.78
CA LEU B 197 32.55 -0.77 -5.22
C LEU B 197 31.31 -1.54 -5.69
N VAL B 198 30.22 -1.31 -4.98
CA VAL B 198 29.02 -2.13 -5.10
C VAL B 198 27.90 -1.32 -5.70
N LEU B 199 27.29 -1.89 -6.74
CA LEU B 199 26.09 -1.31 -7.36
C LEU B 199 24.93 -2.24 -7.01
N SER B 200 24.15 -1.90 -5.97
CA SER B 200 23.20 -2.83 -5.36
C SER B 200 21.82 -2.89 -6.01
N ASP B 201 21.42 -4.13 -6.31
CA ASP B 201 20.06 -4.44 -6.75
C ASP B 201 19.29 -5.14 -5.64
N VAL B 202 19.86 -5.19 -4.44
CA VAL B 202 19.21 -5.81 -3.29
C VAL B 202 18.65 -4.74 -2.38
N LEU B 203 17.37 -4.87 -2.08
CA LEU B 203 16.66 -3.87 -1.27
C LEU B 203 17.20 -3.87 0.15
N GLY B 204 17.64 -2.72 0.62
CA GLY B 204 18.28 -2.65 1.93
C GLY B 204 19.78 -2.90 1.89
N ASP B 205 20.32 -3.13 0.67
CA ASP B 205 21.76 -3.21 0.41
C ASP B 205 22.47 -4.07 1.43
N ARG B 206 22.01 -5.30 1.57
CA ARG B 206 22.54 -6.19 2.57
C ARG B 206 23.76 -6.85 1.97
N LEU B 207 24.92 -6.54 2.52
CA LEU B 207 26.19 -7.03 1.95
C LEU B 207 26.48 -8.50 2.25
N ASP B 208 25.72 -9.08 3.18
CA ASP B 208 25.84 -10.52 3.45
C ASP B 208 24.96 -11.33 2.52
N VAL B 209 24.14 -10.62 1.74
CA VAL B 209 23.23 -11.25 0.77
C VAL B 209 23.69 -11.00 -0.68
N ILE B 210 24.17 -9.79 -0.95
CA ILE B 210 24.62 -9.43 -2.28
C ILE B 210 25.75 -10.38 -2.69
N ALA B 211 25.51 -11.19 -3.73
CA ALA B 211 26.45 -12.25 -4.22
C ALA B 211 26.91 -13.25 -3.16
N SER B 212 26.13 -13.36 -2.10
CA SER B 212 26.42 -14.16 -0.92
C SER B 212 27.69 -13.74 -0.19
N GLY B 213 27.95 -12.43 -0.16
CA GLY B 213 29.01 -11.83 0.67
C GLY B 213 30.41 -12.45 0.47
N PRO B 214 30.94 -12.36 -0.76
CA PRO B 214 32.31 -12.83 -1.04
C PRO B 214 33.44 -12.05 -0.31
N ALA B 215 33.22 -10.76 -0.06
CA ALA B 215 34.11 -9.97 0.78
C ALA B 215 33.31 -9.45 1.96
N TRP B 216 32.58 -10.35 2.62
CA TRP B 216 31.85 -9.99 3.83
C TRP B 216 31.86 -11.19 4.76
N PRO B 217 32.13 -10.98 6.05
CA PRO B 217 32.24 -12.15 6.95
C PRO B 217 30.91 -12.91 7.09
N ASP B 218 31.03 -14.23 7.33
CA ASP B 218 29.89 -15.10 7.42
C ASP B 218 29.69 -15.49 8.91
N SER B 219 28.61 -14.95 9.48
CA SER B 219 28.27 -15.23 10.88
C SER B 219 27.76 -16.66 11.08
N SER B 220 27.22 -17.25 10.02
CA SER B 220 26.67 -18.60 10.08
C SER B 220 27.76 -19.65 10.12
N THR B 221 27.41 -20.78 10.74
CA THR B 221 28.36 -21.83 11.07
C THR B 221 28.12 -23.03 10.17
N SER B 222 29.04 -24.00 10.24
CA SER B 222 28.84 -25.30 9.60
C SER B 222 27.64 -26.00 10.22
N GLU B 223 27.52 -25.92 11.54
CA GLU B 223 26.39 -26.49 12.24
C GLU B 223 25.08 -25.93 11.67
N ASP B 224 25.00 -24.61 11.52
CA ASP B 224 23.84 -23.97 10.93
C ASP B 224 23.50 -24.58 9.58
N ALA B 225 24.51 -24.73 8.73
CA ALA B 225 24.27 -25.19 7.38
C ALA B 225 23.64 -26.59 7.38
N LEU B 226 24.20 -27.50 8.17
CA LEU B 226 23.68 -28.86 8.25
C LEU B 226 22.28 -28.93 8.84
N LYS B 227 22.02 -28.09 9.85
CA LYS B 227 20.70 -28.05 10.48
C LYS B 227 19.62 -27.55 9.51
N VAL B 228 19.97 -26.66 8.57
CA VAL B 228 19.06 -26.23 7.50
C VAL B 228 18.63 -27.43 6.66
N LEU B 229 19.62 -28.15 6.13
CA LEU B 229 19.41 -29.34 5.31
C LEU B 229 18.56 -30.37 6.06
N GLU B 230 18.93 -30.65 7.30
CA GLU B 230 18.13 -31.59 8.11
C GLU B 230 16.71 -31.00 8.27
N LYS B 231 16.62 -29.69 8.51
CA LYS B 231 15.31 -29.05 8.70
C LYS B 231 14.39 -29.29 7.50
N TYR B 232 14.93 -29.16 6.29
CA TYR B 232 14.11 -29.36 5.08
C TYR B 232 14.20 -30.79 4.52
N GLY B 233 14.82 -31.70 5.25
CA GLY B 233 14.98 -33.08 4.81
C GLY B 233 15.70 -33.26 3.48
N ILE B 234 16.66 -32.38 3.17
CA ILE B 234 17.42 -32.51 1.93
C ILE B 234 18.60 -33.47 2.11
N GLU B 235 18.54 -34.65 1.47
CA GLU B 235 19.62 -35.65 1.52
C GLU B 235 20.82 -35.18 0.70
N THR B 236 22.02 -35.41 1.23
CA THR B 236 23.28 -34.90 0.66
C THR B 236 24.43 -35.92 0.77
N SER B 237 25.39 -35.85 -0.14
CA SER B 237 26.51 -36.81 -0.15
C SER B 237 27.42 -36.70 1.08
N GLU B 238 28.35 -37.64 1.22
CA GLU B 238 29.41 -37.54 2.22
C GLU B 238 30.37 -36.41 1.81
N SER B 239 30.62 -36.27 0.50
CA SER B 239 31.49 -35.20 0.00
C SER B 239 30.98 -33.82 0.38
N VAL B 240 29.66 -33.63 0.25
CA VAL B 240 29.02 -32.36 0.59
C VAL B 240 29.08 -32.12 2.12
N LYS B 241 28.64 -33.08 2.91
CA LYS B 241 28.68 -32.92 4.36
C LYS B 241 30.06 -32.48 4.89
N ARG B 242 31.14 -33.08 4.37
CA ARG B 242 32.49 -32.75 4.85
C ARG B 242 33.07 -31.48 4.21
N ALA B 243 32.52 -31.06 3.09
CA ALA B 243 32.83 -29.73 2.56
C ALA B 243 32.30 -28.63 3.49
N ILE B 244 31.08 -28.83 4.00
CA ILE B 244 30.43 -27.91 4.94
C ILE B 244 31.19 -27.72 6.27
N LEU B 245 31.80 -28.79 6.78
CA LEU B 245 32.60 -28.75 8.03
C LEU B 245 33.80 -27.77 8.04
N GLN B 246 34.20 -27.33 6.85
CA GLN B 246 35.17 -26.26 6.76
C GLN B 246 34.42 -24.98 7.09
N GLU B 247 34.84 -24.31 8.17
CA GLU B 247 34.16 -23.11 8.61
C GLU B 247 34.54 -21.88 7.78
N THR B 248 33.57 -21.01 7.57
CA THR B 248 33.78 -19.78 6.82
C THR B 248 34.37 -18.72 7.73
N PRO B 249 35.10 -17.73 7.13
CA PRO B 249 35.68 -16.63 7.90
C PRO B 249 34.63 -15.85 8.68
N LYS B 250 34.83 -15.78 10.00
CA LYS B 250 33.93 -15.07 10.94
C LYS B 250 34.24 -13.54 11.10
N HIS B 251 35.40 -13.14 10.63
CA HIS B 251 35.83 -11.74 10.65
C HIS B 251 36.79 -11.54 9.48
N LEU B 252 36.83 -10.33 8.95
CA LEU B 252 37.76 -9.95 7.88
C LEU B 252 38.40 -8.63 8.26
N SER B 253 39.71 -8.52 8.16
CA SER B 253 40.43 -7.28 8.45
C SER B 253 40.86 -6.50 7.20
N ASN B 254 40.78 -7.11 6.01
CA ASN B 254 41.35 -6.52 4.79
C ASN B 254 40.31 -6.02 3.81
N VAL B 255 39.20 -5.48 4.30
CA VAL B 255 38.12 -5.08 3.39
C VAL B 255 37.59 -3.67 3.64
N GLU B 256 37.32 -2.95 2.56
CA GLU B 256 36.66 -1.64 2.58
C GLU B 256 35.55 -1.68 1.52
N ILE B 257 34.33 -1.41 1.91
CA ILE B 257 33.20 -1.44 0.98
C ILE B 257 32.52 -0.07 0.87
N HIS B 258 32.27 0.36 -0.38
CA HIS B 258 31.53 1.58 -0.68
C HIS B 258 30.37 1.20 -1.58
N LEU B 259 29.18 1.68 -1.24
CA LEU B 259 27.97 1.54 -2.06
C LEU B 259 27.91 2.68 -3.03
N ILE B 260 28.18 2.45 -4.30
CA ILE B 260 28.18 3.54 -5.26
C ILE B 260 26.82 3.77 -5.94
N GLY B 261 25.92 2.79 -5.87
CA GLY B 261 24.56 2.96 -6.42
C GLY B 261 23.60 2.09 -5.64
N ASN B 262 22.39 2.62 -5.42
CA ASN B 262 21.29 1.89 -4.79
C ASN B 262 20.01 2.66 -5.03
N VAL B 263 18.88 2.14 -4.56
CA VAL B 263 17.61 2.82 -4.76
C VAL B 263 17.55 4.18 -4.03
N GLN B 264 18.27 4.31 -2.92
CA GLN B 264 18.29 5.58 -2.17
C GLN B 264 18.91 6.71 -2.98
N LYS B 265 20.01 6.41 -3.66
CA LYS B 265 20.68 7.43 -4.49
C LYS B 265 19.74 8.00 -5.54
N VAL B 266 18.93 7.12 -6.12
CA VAL B 266 18.04 7.52 -7.20
C VAL B 266 16.85 8.33 -6.67
N CYS B 267 16.35 7.98 -5.49
CA CYS B 267 15.30 8.75 -4.85
C CYS B 267 15.78 10.13 -4.42
N ASP B 268 17.03 10.18 -3.95
CA ASP B 268 17.66 11.42 -3.56
C ASP B 268 17.78 12.40 -4.73
N GLU B 269 18.20 11.87 -5.88
CA GLU B 269 18.42 12.66 -7.08
C GLU B 269 17.08 13.17 -7.61
N ALA B 270 16.08 12.32 -7.58
CA ALA B 270 14.75 12.74 -8.00
C ALA B 270 14.26 13.86 -7.12
N LYS B 271 14.44 13.71 -5.82
CA LYS B 271 14.05 14.75 -4.87
C LYS B 271 14.69 16.08 -5.23
N SER B 272 16.01 16.06 -5.47
CA SER B 272 16.74 17.30 -5.75
C SER B 272 16.45 17.87 -7.14
N LEU B 273 16.15 16.99 -8.10
CA LEU B 273 15.72 17.44 -9.43
C LEU B 273 14.37 18.12 -9.35
N ALA B 274 13.45 17.49 -8.63
CA ALA B 274 12.13 18.07 -8.42
C ALA B 274 12.18 19.41 -7.71
N LYS B 275 13.00 19.50 -6.66
CA LYS B 275 13.21 20.77 -5.97
C LYS B 275 13.75 21.86 -6.91
N GLU B 276 14.68 21.46 -7.77
CA GLU B 276 15.27 22.38 -8.74
C GLU B 276 14.25 22.91 -9.77
N LYS B 277 13.09 22.27 -9.88
CA LYS B 277 12.07 22.70 -10.83
C LYS B 277 10.87 23.40 -10.18
N GLY B 278 10.98 23.71 -8.89
CA GLY B 278 9.95 24.44 -8.17
C GLY B 278 8.97 23.61 -7.39
N PHE B 279 9.26 22.34 -7.17
CA PHE B 279 8.36 21.46 -6.43
C PHE B 279 8.70 21.37 -4.96
N ASN B 280 7.66 21.32 -4.13
CA ASN B 280 7.83 20.84 -2.77
C ASN B 280 7.93 19.34 -2.92
N ALA B 281 9.08 18.78 -2.55
CA ALA B 281 9.40 17.37 -2.80
C ALA B 281 9.83 16.64 -1.53
N GLU B 282 9.31 15.41 -1.35
CA GLU B 282 9.76 14.54 -0.26
C GLU B 282 9.79 13.10 -0.70
N ILE B 283 10.69 12.34 -0.06
CA ILE B 283 10.77 10.87 -0.18
C ILE B 283 9.91 10.21 0.90
N ILE B 284 8.89 9.46 0.48
CA ILE B 284 7.97 8.84 1.46
C ILE B 284 8.56 7.53 1.94
N THR B 285 9.09 6.73 1.00
CA THR B 285 9.86 5.55 1.40
C THR B 285 10.75 5.02 0.29
N THR B 286 11.84 4.38 0.71
CA THR B 286 12.78 3.74 -0.20
C THR B 286 12.84 2.23 0.02
N SER B 287 11.90 1.74 0.85
CA SER B 287 11.79 0.31 1.19
C SER B 287 10.45 -0.31 0.76
N LEU B 288 9.88 0.18 -0.32
CA LEU B 288 8.58 -0.33 -0.75
C LEU B 288 8.73 -1.79 -1.24
N ASP B 289 7.90 -2.70 -0.74
CA ASP B 289 7.99 -4.11 -1.14
C ASP B 289 6.66 -4.91 -1.19
N CYS B 290 5.54 -4.21 -1.22
CA CYS B 290 4.24 -4.88 -1.20
C CYS B 290 3.72 -5.16 -2.64
N GLU B 291 2.49 -5.65 -2.75
CA GLU B 291 1.87 -5.94 -4.06
C GLU B 291 1.82 -4.70 -4.92
N ALA B 292 2.21 -4.86 -6.19
CA ALA B 292 2.34 -3.73 -7.11
C ALA B 292 1.04 -2.93 -7.26
N ARG B 293 -0.06 -3.64 -7.55
CA ARG B 293 -1.38 -3.00 -7.79
C ARG B 293 -1.95 -2.31 -6.55
N GLU B 294 -1.66 -2.85 -5.37
CA GLU B 294 -2.12 -2.24 -4.12
C GLU B 294 -1.26 -1.03 -3.75
N ALA B 295 0.04 -1.10 -4.03
CA ALA B 295 0.94 0.06 -3.92
C ALA B 295 0.50 1.23 -4.84
N GLY B 296 -0.08 0.91 -5.99
CA GLY B 296 -0.59 1.93 -6.93
C GLY B 296 -1.74 2.71 -6.34
N ARG B 297 -2.63 1.99 -5.65
CA ARG B 297 -3.76 2.58 -4.95
C ARG B 297 -3.35 3.41 -3.72
N PHE B 298 -2.32 2.96 -3.02
CA PHE B 298 -1.87 3.64 -1.82
C PHE B 298 -1.27 4.97 -2.22
N ILE B 299 -0.39 4.93 -3.21
CA ILE B 299 0.23 6.12 -3.74
C ILE B 299 -0.85 7.08 -4.29
N ALA B 300 -1.78 6.56 -5.07
CA ALA B 300 -2.96 7.33 -5.51
C ALA B 300 -3.62 8.04 -4.34
N SER B 301 -3.86 7.31 -3.26
CA SER B 301 -4.55 7.90 -2.09
C SER B 301 -3.75 9.07 -1.49
N ILE B 302 -2.41 8.95 -1.47
CA ILE B 302 -1.57 10.05 -1.00
C ILE B 302 -1.60 11.23 -2.00
N LYS B 304 -4.16 12.03 -3.79
CA LYS B 304 -5.46 12.68 -3.58
C LYS B 304 -5.42 13.56 -2.35
N GLU B 305 -4.69 13.15 -1.30
CA GLU B 305 -4.64 13.97 -0.08
C GLU B 305 -3.93 15.31 -0.37
N VAL B 306 -2.88 15.25 -1.18
CA VAL B 306 -2.15 16.42 -1.60
C VAL B 306 -3.07 17.29 -2.46
N LYS B 307 -3.73 16.68 -3.44
CA LYS B 307 -4.59 17.42 -4.35
C LYS B 307 -5.69 18.17 -3.59
N PHE B 308 -6.46 17.48 -2.75
CA PHE B 308 -7.61 18.09 -2.09
C PHE B 308 -7.36 18.64 -0.69
N LYS B 309 -6.32 18.19 0.02
CA LYS B 309 -6.04 18.74 1.37
C LYS B 309 -4.65 19.37 1.52
N ASP B 310 -3.85 19.34 0.48
CA ASP B 310 -2.53 20.01 0.53
C ASP B 310 -1.62 19.50 1.64
N ARG B 311 -1.70 18.20 1.92
CA ARG B 311 -0.81 17.51 2.85
C ARG B 311 -0.67 16.05 2.38
N PRO B 312 0.44 15.34 2.69
CA PRO B 312 1.62 15.75 3.46
C PRO B 312 2.56 16.72 2.74
N LEU B 313 2.27 17.08 1.49
CA LEU B 313 2.95 18.20 0.84
C LEU B 313 1.97 19.22 0.26
N LYS B 314 2.43 20.47 0.20
CA LYS B 314 1.68 21.50 -0.49
C LYS B 314 1.94 21.43 -1.98
N LYS B 315 0.92 21.75 -2.78
CA LYS B 315 1.07 21.93 -4.23
C LYS B 315 1.91 23.16 -4.53
N PRO B 316 2.80 23.07 -5.51
CA PRO B 316 3.07 21.95 -6.44
C PRO B 316 3.98 20.93 -5.78
N ALA B 317 3.55 19.67 -5.79
CA ALA B 317 4.17 18.65 -4.96
C ALA B 317 4.79 17.55 -5.78
N ALA B 318 5.82 16.92 -5.21
CA ALA B 318 6.46 15.73 -5.79
C ALA B 318 6.70 14.70 -4.69
N LEU B 319 5.97 13.59 -4.77
CA LEU B 319 6.08 12.49 -3.84
C LEU B 319 6.93 11.41 -4.51
N ILE B 320 7.97 10.95 -3.82
CA ILE B 320 8.96 10.03 -4.38
C ILE B 320 8.99 8.71 -3.61
N PHE B 321 8.92 7.60 -4.35
CA PHE B 321 8.92 6.26 -3.78
C PHE B 321 9.96 5.41 -4.50
N GLY B 322 10.58 4.52 -3.74
CA GLY B 322 11.52 3.56 -4.29
C GLY B 322 11.36 2.24 -3.60
N GLY B 323 11.68 1.17 -4.32
CA GLY B 323 11.63 -0.16 -3.72
C GLY B 323 11.60 -1.28 -4.72
N GLU B 324 11.03 -2.41 -4.32
CA GLU B 324 10.85 -3.55 -5.23
C GLU B 324 9.51 -4.25 -4.95
N THR B 325 8.49 -3.86 -5.70
CA THR B 325 7.17 -4.45 -5.55
C THR B 325 7.14 -5.90 -6.07
N VAL B 326 6.03 -6.60 -5.82
CA VAL B 326 5.82 -7.93 -6.41
C VAL B 326 4.45 -8.01 -7.04
N VAL B 327 4.28 -9.04 -7.85
CA VAL B 327 3.02 -9.33 -8.49
C VAL B 327 2.77 -10.78 -8.28
N HIS B 328 1.59 -11.12 -7.74
CA HIS B 328 1.14 -12.50 -7.64
C HIS B 328 0.42 -12.73 -8.96
N VAL B 329 1.05 -13.49 -9.86
CA VAL B 329 0.55 -13.61 -11.22
C VAL B 329 -0.62 -14.57 -11.29
N LYS B 330 -1.78 -14.06 -11.70
CA LYS B 330 -3.02 -14.82 -11.81
C LYS B 330 -3.42 -15.11 -13.28
N GLY B 331 -3.12 -14.16 -14.18
CA GLY B 331 -3.55 -14.26 -15.58
C GLY B 331 -2.39 -14.52 -16.53
N ASN B 332 -2.64 -14.41 -17.83
CA ASN B 332 -1.62 -14.79 -18.82
C ASN B 332 -1.20 -13.64 -19.72
N GLY B 333 -1.49 -12.41 -19.28
CA GLY B 333 -1.13 -11.20 -20.06
C GLY B 333 0.34 -10.88 -19.97
N ILE B 334 0.74 -9.80 -20.62
CA ILE B 334 2.10 -9.34 -20.50
C ILE B 334 2.11 -8.00 -19.78
N GLY B 335 3.08 -7.84 -18.88
CA GLY B 335 3.17 -6.69 -18.00
C GLY B 335 4.42 -6.78 -17.15
N GLY B 336 4.42 -6.07 -16.04
CA GLY B 336 5.55 -6.06 -15.13
C GLY B 336 5.10 -5.32 -13.89
N ARG B 337 5.86 -5.44 -12.80
CA ARG B 337 5.45 -4.81 -11.56
C ARG B 337 5.19 -3.30 -11.70
N ASN B 338 6.10 -2.55 -12.30
CA ASN B 338 5.88 -1.09 -12.42
C ASN B 338 4.66 -0.76 -13.34
N GLN B 339 4.41 -1.59 -14.32
CA GLN B 339 3.31 -1.33 -15.25
C GLN B 339 1.96 -1.59 -14.60
N GLU B 340 1.89 -2.59 -13.72
CA GLU B 340 0.71 -2.84 -12.88
C GLU B 340 0.49 -1.73 -11.86
N LEU B 341 1.58 -1.28 -11.25
CA LEU B 341 1.50 -0.21 -10.29
C LEU B 341 0.84 1.01 -10.98
N ALA B 342 1.32 1.34 -12.18
CA ALA B 342 0.85 2.51 -12.93
C ALA B 342 -0.62 2.36 -13.37
N LEU B 343 -0.94 1.21 -13.95
CA LEU B 343 -2.29 0.91 -14.41
C LEU B 343 -3.31 0.91 -13.24
N SER B 344 -2.88 0.42 -12.07
CA SER B 344 -3.74 0.43 -10.89
C SER B 344 -3.97 1.85 -10.39
N ALA B 345 -2.92 2.67 -10.41
CA ALA B 345 -3.04 4.10 -10.01
C ALA B 345 -3.94 4.88 -10.96
N ALA B 346 -3.83 4.62 -12.25
CA ALA B 346 -4.65 5.28 -13.24
C ALA B 346 -6.14 5.13 -12.96
N ILE B 347 -6.52 3.91 -12.59
CA ILE B 347 -7.89 3.59 -12.20
C ILE B 347 -8.30 4.41 -10.98
N ALA B 348 -7.48 4.37 -9.94
CA ALA B 348 -7.69 5.16 -8.70
C ALA B 348 -7.72 6.68 -8.92
N LEU B 349 -7.03 7.20 -9.94
CA LEU B 349 -6.96 8.65 -10.21
C LEU B 349 -7.88 9.12 -11.33
N GLU B 350 -8.82 8.27 -11.78
CA GLU B 350 -9.69 8.67 -12.88
C GLU B 350 -10.42 9.95 -12.53
N GLY B 351 -10.43 10.91 -13.45
CA GLY B 351 -11.24 12.12 -13.29
C GLY B 351 -10.61 13.25 -12.51
N ILE B 352 -9.34 13.13 -12.15
CA ILE B 352 -8.67 14.14 -11.35
C ILE B 352 -7.69 14.94 -12.19
N GLU B 353 -7.93 16.25 -12.34
CA GLU B 353 -7.00 17.11 -13.03
C GLU B 353 -5.76 17.25 -12.20
N GLY B 354 -4.63 17.44 -12.88
CA GLY B 354 -3.40 17.88 -12.23
C GLY B 354 -2.49 16.85 -11.62
N VAL B 355 -2.70 15.59 -11.95
CA VAL B 355 -1.93 14.51 -11.34
C VAL B 355 -1.20 13.69 -12.39
N ILE B 356 0.09 13.47 -12.15
CA ILE B 356 0.93 12.58 -12.99
C ILE B 356 1.60 11.57 -12.08
N LEU B 357 1.52 10.29 -12.44
CA LEU B 357 2.32 9.27 -11.78
C LEU B 357 3.17 8.56 -12.81
N CYS B 358 4.44 8.36 -12.45
CA CYS B 358 5.39 7.70 -13.34
C CYS B 358 6.20 6.65 -12.59
N SER B 359 6.07 5.39 -12.98
CA SER B 359 6.78 4.31 -12.33
C SER B 359 7.83 3.79 -13.29
N ALA B 360 8.99 3.34 -12.80
CA ALA B 360 10.00 2.78 -13.70
C ALA B 360 10.94 1.80 -13.05
N GLY B 361 11.21 0.69 -13.73
CA GLY B 361 12.33 -0.19 -13.39
C GLY B 361 13.59 0.50 -13.86
N THR B 362 14.57 0.67 -12.98
CA THR B 362 15.86 1.31 -13.29
C THR B 362 16.71 0.53 -14.28
N ASP B 363 16.36 -0.75 -14.46
CA ASP B 363 16.73 -1.60 -15.59
C ASP B 363 16.59 -0.84 -16.89
N GLY B 364 15.37 -0.34 -17.08
CA GLY B 364 14.81 -0.05 -18.41
C GLY B 364 13.84 -1.11 -18.91
N THR B 365 13.69 -2.19 -18.13
CA THR B 365 12.87 -3.35 -18.51
C THR B 365 12.03 -3.79 -17.31
N ASP B 366 10.73 -3.61 -17.48
CA ASP B 366 9.73 -4.05 -16.52
C ASP B 366 9.22 -5.38 -17.05
N GLY B 367 9.32 -6.43 -16.24
CA GLY B 367 8.86 -7.73 -16.66
C GLY B 367 9.62 -8.13 -17.91
N PRO B 368 9.03 -9.01 -18.74
CA PRO B 368 9.68 -9.42 -19.95
C PRO B 368 9.21 -8.52 -21.06
N THR B 369 9.52 -7.24 -20.98
CA THR B 369 9.06 -6.25 -21.98
C THR B 369 10.15 -5.19 -22.24
N ASP B 370 9.93 -4.40 -23.28
CA ASP B 370 10.85 -3.31 -23.69
C ASP B 370 10.57 -1.98 -22.97
N ALA B 371 9.53 -1.97 -22.13
CA ALA B 371 9.15 -0.77 -21.44
C ALA B 371 9.62 -0.84 -19.97
N ALA B 372 9.92 0.33 -19.39
CA ALA B 372 10.47 0.46 -18.03
C ALA B 372 9.37 0.56 -17.01
N GLY B 373 8.23 1.06 -17.45
CA GLY B 373 7.12 1.23 -16.55
C GLY B 373 5.99 1.98 -17.19
N GLY B 374 5.26 2.73 -16.39
CA GLY B 374 4.07 3.43 -16.90
C GLY B 374 4.09 4.90 -16.60
N ILE B 375 3.36 5.68 -17.40
CA ILE B 375 3.22 7.12 -17.17
C ILE B 375 1.76 7.46 -17.41
N VAL B 376 1.05 7.77 -16.33
CA VAL B 376 -0.42 7.90 -16.33
C VAL B 376 -0.97 9.15 -15.60
N ASP B 377 -2.20 9.53 -15.94
CA ASP B 377 -2.88 10.63 -15.29
C ASP B 377 -4.39 10.36 -15.14
N GLY B 378 -5.16 11.37 -14.79
CA GLY B 378 -6.61 11.20 -14.54
C GLY B 378 -7.49 10.92 -15.76
N SER B 379 -6.91 11.02 -16.96
CA SER B 379 -7.62 10.73 -18.20
C SER B 379 -7.35 9.31 -18.73
N THR B 380 -6.19 8.75 -18.40
CA THR B 380 -5.76 7.43 -18.86
C THR B 380 -6.86 6.36 -18.90
N ALA B 381 -7.54 6.18 -17.78
CA ALA B 381 -8.61 5.19 -17.67
C ALA B 381 -9.75 5.49 -18.65
N LYS B 382 -10.16 6.76 -18.69
CA LYS B 382 -11.19 7.24 -19.61
C LYS B 382 -10.80 7.01 -21.07
N THR B 383 -9.53 7.18 -21.39
CA THR B 383 -9.05 6.94 -22.75
C THR B 383 -9.38 5.50 -23.13
N LEU B 384 -9.07 4.60 -22.21
CA LEU B 384 -9.36 3.17 -22.41
C LEU B 384 -10.84 2.88 -22.48
N LYS B 385 -11.62 3.41 -21.55
CA LYS B 385 -13.08 3.21 -21.61
C LYS B 385 -13.70 3.73 -22.92
N ALA B 386 -13.26 4.91 -23.36
CA ALA B 386 -13.72 5.49 -24.62
C ALA B 386 -13.36 4.65 -25.85
N GLY B 388 -13.59 1.39 -25.59
CA GLY B 388 -14.36 0.17 -25.33
C GLY B 388 -13.57 -0.83 -24.51
N GLU B 389 -12.47 -0.40 -23.90
CA GLU B 389 -11.64 -1.30 -23.10
C GLU B 389 -11.95 -1.11 -21.60
N ASP B 390 -11.80 -2.19 -20.84
CA ASP B 390 -12.00 -2.16 -19.38
C ASP B 390 -10.67 -2.31 -18.68
N PRO B 391 -10.21 -1.24 -18.02
CA PRO B 391 -9.00 -1.27 -17.21
C PRO B 391 -8.88 -2.43 -16.17
N TYR B 392 -9.93 -2.75 -15.41
CA TYR B 392 -9.83 -3.79 -14.37
C TYR B 392 -9.59 -5.17 -14.99
N GLN B 393 -10.12 -5.40 -16.17
CA GLN B 393 -9.88 -6.66 -16.86
C GLN B 393 -8.40 -6.86 -17.28
N TYR B 394 -7.73 -5.81 -17.76
CA TYR B 394 -6.31 -5.92 -18.12
C TYR B 394 -5.45 -6.15 -16.88
N LEU B 395 -5.86 -5.54 -15.78
CA LEU B 395 -5.22 -5.75 -14.49
C LEU B 395 -5.48 -7.18 -13.98
N LYS B 396 -6.72 -7.59 -13.95
CA LYS B 396 -7.07 -8.94 -13.48
C LYS B 396 -6.25 -10.01 -14.19
N ASN B 397 -6.02 -9.79 -15.48
CA ASN B 397 -5.38 -10.74 -16.37
C ASN B 397 -3.83 -10.60 -16.43
N ASN B 398 -3.26 -9.70 -15.64
CA ASN B 398 -1.82 -9.43 -15.64
C ASN B 398 -1.30 -8.98 -17.03
N ASP B 399 -2.09 -8.15 -17.69
CA ASP B 399 -1.82 -7.65 -19.05
C ASP B 399 -1.68 -6.13 -19.03
N SER B 400 -0.97 -5.60 -18.04
CA SER B 400 -0.76 -4.13 -17.92
C SER B 400 -0.10 -3.51 -19.17
N TYR B 401 0.91 -4.20 -19.71
CA TYR B 401 1.66 -3.70 -20.86
C TYR B 401 0.72 -3.20 -21.94
N ASN B 402 -0.23 -4.05 -22.33
CA ASN B 402 -1.20 -3.76 -23.39
C ASN B 402 -2.19 -2.64 -23.07
N ALA B 403 -2.61 -2.55 -21.82
CA ALA B 403 -3.51 -1.47 -21.40
C ALA B 403 -2.84 -0.12 -21.54
N LEU B 404 -1.55 -0.05 -21.17
CA LEU B 404 -0.77 1.19 -21.23
C LEU B 404 -0.38 1.54 -22.68
N LYS B 405 -0.07 0.54 -23.49
CA LYS B 405 0.24 0.76 -24.91
C LYS B 405 -0.95 1.41 -25.62
N LYS B 406 -2.14 0.90 -25.36
CA LYS B 406 -3.37 1.37 -26.00
C LYS B 406 -3.73 2.80 -25.62
N SER B 407 -3.26 3.23 -24.45
CA SER B 407 -3.58 4.54 -23.92
C SER B 407 -2.39 5.50 -23.98
N GLY B 408 -1.32 5.10 -24.67
CA GLY B 408 -0.12 5.94 -24.82
C GLY B 408 0.55 6.26 -23.49
N ALA B 409 0.58 5.30 -22.59
CA ALA B 409 1.02 5.51 -21.22
C ALA B 409 2.16 4.57 -20.81
N LEU B 410 2.88 4.05 -21.79
CA LEU B 410 4.07 3.26 -21.52
C LEU B 410 5.27 4.19 -21.34
N LEU B 411 6.11 3.92 -20.37
CA LEU B 411 7.42 4.61 -20.30
C LEU B 411 8.50 3.72 -20.92
N ILE B 412 9.07 4.19 -22.02
CA ILE B 412 10.12 3.51 -22.74
C ILE B 412 11.44 4.25 -22.55
N THR B 413 12.38 3.67 -21.82
CA THR B 413 13.70 4.28 -21.66
C THR B 413 14.79 3.56 -22.45
N GLY B 414 14.60 2.28 -22.74
CA GLY B 414 15.67 1.43 -23.27
C GLY B 414 16.44 0.84 -22.11
N PRO B 415 17.32 -0.12 -22.40
CA PRO B 415 18.19 -0.65 -21.34
C PRO B 415 19.09 0.44 -20.74
N THR B 416 19.16 0.53 -19.41
CA THR B 416 19.90 1.56 -18.67
C THR B 416 21.40 1.21 -18.50
N GLY B 417 21.71 -0.08 -18.49
CA GLY B 417 23.00 -0.55 -18.04
C GLY B 417 23.18 -0.54 -16.52
N THR B 418 22.10 -0.31 -15.78
CA THR B 418 22.14 -0.37 -14.33
C THR B 418 20.89 -1.09 -13.79
N ASN B 419 20.94 -1.51 -12.53
CA ASN B 419 19.74 -1.99 -11.82
C ASN B 419 19.78 -1.70 -10.31
N VAL B 420 18.94 -0.77 -9.86
CA VAL B 420 18.77 -0.52 -8.43
C VAL B 420 17.29 -0.54 -8.06
N ASN B 421 16.56 -1.46 -8.68
CA ASN B 421 15.12 -1.69 -8.44
C ASN B 421 14.24 -0.56 -8.98
N ASP B 422 13.24 -0.11 -8.23
CA ASP B 422 12.17 0.75 -8.79
C ASP B 422 12.16 2.21 -8.28
N LEU B 423 11.83 3.15 -9.16
CA LEU B 423 11.55 4.53 -8.81
C LEU B 423 10.09 4.84 -9.16
N ILE B 424 9.34 5.43 -8.25
CA ILE B 424 7.99 5.90 -8.54
C ILE B 424 7.88 7.35 -8.11
N ILE B 425 7.31 8.17 -8.98
CA ILE B 425 7.24 9.63 -8.81
C ILE B 425 5.81 10.06 -9.04
N GLY B 426 5.26 10.82 -8.09
CA GLY B 426 3.89 11.35 -8.23
C GLY B 426 3.86 12.88 -8.15
N LEU B 427 3.31 13.55 -9.16
CA LEU B 427 3.31 15.01 -9.17
C LEU B 427 1.88 15.51 -9.08
N ILE B 428 1.64 16.52 -8.25
CA ILE B 428 0.32 17.09 -8.03
C ILE B 428 0.41 18.62 -8.13
N VAL B 429 -0.46 19.24 -8.93
CA VAL B 429 -0.49 20.70 -9.11
C VAL B 429 -1.90 21.31 -9.06
#